data_5GNE
#
_entry.id   5GNE
#
_cell.length_a   152.970
_cell.length_b   152.970
_cell.length_c   108.410
_cell.angle_alpha   90.00
_cell.angle_beta   90.00
_cell.angle_gamma   90.00
#
_symmetry.space_group_name_H-M   'P 42 21 2'
#
loop_
_entity.id
_entity.type
_entity.pdbx_description
1 polymer 'Leucine aminopeptidase'
2 non-polymer 'ZINC ION'
3 non-polymer 'SULFATE ION'
4 water water
#
_entity_poly.entity_id   1
_entity_poly.type   'polypeptide(L)'
_entity_poly.pdbx_seq_one_letter_code
;GSQSPEEDRIIVSNCLYEQLKDKARLIAQSDHFSFIAIPIDENITNTLQKMRPVCGNYLNAEPYIQQTSNRFLDSKKLLD
KLTSYHSISTANPYPINHEAQVHSLFEQIDPAKIWQTNQHLTSYINRSAKSRTGVEAAQWFKQQFDTLAQDYGRKDVESY
FVKTGNKFIQPSVVTVIGKDKPGEAIVIGAHIDTLDGNMPGADDDSSGISVELEMARVVFSSNFELNRPIYFIAYAAEER
GLIGSGYVVQDFLQKKIPVKAVMQLDQAGYRANAKDQTIWLLKDYVDKGLTEFTAELLTRYVKTPVGYTKCGYACSDHVN
WTNEGFKTTYPSATTLDDDNPYVHTSNDTLDILNLEHMVNFTKLGLAFIVELGLN
;
_entity_poly.pdbx_strand_id   A,B
#
# COMPACT_ATOMS: atom_id res chain seq x y z
N GLU A 6 6.77 -1.39 12.21
CA GLU A 6 7.76 -1.21 13.28
C GLU A 6 9.21 -1.23 12.79
N GLU A 7 9.58 -2.30 12.09
CA GLU A 7 10.94 -2.42 11.62
C GLU A 7 11.11 -1.99 10.20
N ASP A 8 12.16 -1.21 9.98
CA ASP A 8 12.49 -0.78 8.65
C ASP A 8 13.37 -1.83 8.01
N ARG A 9 13.16 -2.03 6.72
CA ARG A 9 14.06 -2.87 5.98
C ARG A 9 14.83 -2.00 5.03
N ILE A 10 16.16 -1.99 5.22
CA ILE A 10 17.01 -1.06 4.48
C ILE A 10 18.23 -1.77 3.96
N ILE A 11 18.83 -1.19 2.93
CA ILE A 11 20.06 -1.71 2.36
C ILE A 11 21.18 -0.74 2.71
N VAL A 12 22.25 -1.27 3.31
CA VAL A 12 23.42 -0.48 3.69
C VAL A 12 24.72 -1.09 3.22
N SER A 13 25.76 -0.26 3.07
CA SER A 13 27.11 -0.79 2.82
C SER A 13 27.52 -1.69 3.97
N ASN A 14 28.36 -2.67 3.69
CA ASN A 14 28.87 -3.48 4.80
C ASN A 14 29.56 -2.64 5.87
N CYS A 15 30.14 -1.53 5.45
CA CYS A 15 30.72 -0.56 6.36
C CYS A 15 29.72 -0.12 7.41
N LEU A 16 28.58 0.36 6.95
CA LEU A 16 27.53 0.80 7.86
C LEU A 16 26.96 -0.38 8.65
N TYR A 17 26.87 -1.56 8.03
CA TYR A 17 26.34 -2.71 8.75
C TYR A 17 27.11 -3.01 10.03
N GLU A 18 28.44 -2.99 9.95
CA GLU A 18 29.26 -3.33 11.10
C GLU A 18 29.02 -2.37 12.25
N GLN A 19 28.63 -1.14 11.94
CA GLN A 19 28.24 -0.17 12.96
C GLN A 19 26.82 -0.40 13.51
N LEU A 20 26.04 -1.26 12.86
CA LEU A 20 24.62 -1.42 13.22
C LEU A 20 24.28 -2.84 13.65
N LYS A 21 25.24 -3.74 13.47
CA LYS A 21 25.10 -5.18 13.72
C LYS A 21 24.25 -5.53 14.92
N ASP A 22 24.60 -4.97 16.06
CA ASP A 22 24.01 -5.35 17.33
C ASP A 22 22.56 -4.94 17.44
N LYS A 23 22.12 -4.00 16.61
CA LYS A 23 20.72 -3.58 16.66
C LYS A 23 19.92 -4.06 15.44
N ALA A 24 20.58 -4.79 14.54
CA ALA A 24 19.95 -5.17 13.28
C ALA A 24 19.82 -6.68 13.16
N ARG A 25 18.89 -7.08 12.31
CA ARG A 25 18.72 -8.45 11.86
C ARG A 25 19.20 -8.53 10.42
N LEU A 26 20.16 -9.41 10.16
CA LEU A 26 20.67 -9.56 8.82
C LEU A 26 19.80 -10.45 7.96
N ILE A 27 19.23 -9.92 6.89
CA ILE A 27 18.38 -10.75 6.04
C ILE A 27 19.18 -11.40 4.90
N ALA A 28 19.95 -10.60 4.17
CA ALA A 28 20.80 -11.07 3.09
C ALA A 28 22.05 -10.21 3.08
N GLN A 29 23.15 -10.75 2.56
CA GLN A 29 24.41 -10.05 2.51
C GLN A 29 25.22 -10.40 1.28
N SER A 30 25.95 -9.42 0.75
CA SER A 30 26.89 -9.64 -0.37
C SER A 30 28.29 -9.24 0.07
N ASP A 31 29.28 -9.31 -0.81
CA ASP A 31 30.62 -8.89 -0.43
C ASP A 31 30.65 -7.40 -0.01
N HIS A 32 29.74 -6.57 -0.53
CA HIS A 32 29.75 -5.11 -0.25
C HIS A 32 28.52 -4.54 0.49
N PHE A 33 27.35 -5.19 0.41
CA PHE A 33 26.15 -4.62 1.01
C PHE A 33 25.39 -5.63 1.85
N SER A 34 24.60 -5.09 2.78
CA SER A 34 23.70 -5.87 3.63
C SER A 34 22.25 -5.40 3.54
N PHE A 35 21.34 -6.36 3.51
CA PHE A 35 19.91 -6.10 3.53
C PHE A 35 19.42 -6.42 4.93
N ILE A 36 18.97 -5.42 5.68
CA ILE A 36 18.71 -5.64 7.10
C ILE A 36 17.37 -5.11 7.57
N ALA A 37 16.95 -5.63 8.72
CA ALA A 37 15.80 -5.10 9.41
C ALA A 37 16.28 -4.48 10.71
N ILE A 38 15.87 -3.23 10.93
CA ILE A 38 16.35 -2.48 12.06
C ILE A 38 15.30 -1.41 12.37
N PRO A 39 14.94 -1.28 13.65
CA PRO A 39 13.96 -0.26 13.94
C PRO A 39 14.69 1.06 14.13
N ILE A 40 14.57 1.93 13.14
CA ILE A 40 15.26 3.21 13.17
C ILE A 40 14.65 4.15 14.21
N ASP A 41 15.37 4.38 15.29
CA ASP A 41 14.97 5.30 16.33
C ASP A 41 15.95 6.44 16.14
N GLU A 42 15.97 7.50 16.96
CA GLU A 42 16.93 8.51 16.59
C GLU A 42 18.34 8.19 17.09
N ASN A 43 18.48 7.25 18.00
CA ASN A 43 19.83 6.74 18.26
C ASN A 43 20.45 6.22 16.97
N ILE A 44 19.71 5.36 16.27
CA ILE A 44 20.20 4.76 15.04
C ILE A 44 20.30 5.81 13.93
N THR A 45 19.34 6.73 13.89
CA THR A 45 19.42 7.87 12.97
C THR A 45 20.76 8.58 13.12
N ASN A 46 21.21 8.78 14.36
CA ASN A 46 22.46 9.50 14.59
C ASN A 46 23.66 8.73 14.10
N THR A 47 23.62 7.42 14.25
CA THR A 47 24.70 6.57 13.74
C THR A 47 24.76 6.69 12.23
N LEU A 48 23.61 6.55 11.60
CA LEU A 48 23.53 6.67 10.16
C LEU A 48 24.13 7.99 9.71
N GLN A 49 23.81 9.07 10.42
CA GLN A 49 24.25 10.38 9.96
C GLN A 49 25.73 10.52 10.16
N LYS A 50 26.22 10.01 11.27
CA LYS A 50 27.63 10.15 11.61
C LYS A 50 28.53 9.29 10.73
N MET A 51 28.04 8.13 10.27
CA MET A 51 28.85 7.24 9.43
C MET A 51 28.71 7.54 7.95
N ARG A 52 27.75 8.40 7.59
CA ARG A 52 27.46 8.68 6.18
C ARG A 52 28.66 9.12 5.30
N PRO A 53 29.55 10.00 5.79
CA PRO A 53 30.73 10.34 4.96
C PRO A 53 31.67 9.15 4.66
N VAL A 54 31.85 8.30 5.66
CA VAL A 54 32.69 7.12 5.54
C VAL A 54 31.99 5.97 4.82
N CYS A 55 30.74 5.72 5.21
CA CYS A 55 30.04 4.49 4.86
C CYS A 55 28.92 4.65 3.85
N GLY A 56 28.57 5.89 3.52
CA GLY A 56 27.53 6.13 2.53
C GLY A 56 26.15 6.25 3.12
N ASN A 57 25.20 6.62 2.29
CA ASN A 57 23.81 6.70 2.70
C ASN A 57 23.18 5.32 2.65
N TYR A 58 21.94 5.20 3.10
CA TYR A 58 21.22 3.93 2.99
C TYR A 58 19.98 4.06 2.12
N LEU A 59 19.50 2.92 1.65
CA LEU A 59 18.30 2.91 0.83
C LEU A 59 17.18 2.23 1.60
N ASN A 60 16.05 2.89 1.78
CA ASN A 60 14.93 2.19 2.38
C ASN A 60 14.26 1.32 1.34
N ALA A 61 14.14 0.03 1.62
CA ALA A 61 13.64 -0.92 0.63
C ALA A 61 12.13 -0.93 0.52
N GLU A 62 11.43 -0.39 1.52
CA GLU A 62 9.98 -0.49 1.54
C GLU A 62 9.26 -0.16 0.22
N PRO A 63 9.68 0.89 -0.50
CA PRO A 63 8.93 1.10 -1.74
C PRO A 63 9.07 -0.04 -2.73
N TYR A 64 10.13 -0.84 -2.64
CA TYR A 64 10.30 -1.93 -3.57
C TYR A 64 9.58 -3.23 -3.16
N ILE A 65 9.34 -3.40 -1.87
CA ILE A 65 8.81 -4.67 -1.37
C ILE A 65 7.53 -4.54 -0.52
N GLN A 66 7.19 -3.31 -0.16
CA GLN A 66 5.88 -3.00 0.47
C GLN A 66 5.35 -4.00 1.47
N GLN A 67 6.04 -4.31 2.58
CA GLN A 67 5.41 -5.08 3.67
C GLN A 67 5.33 -6.61 3.33
N THR A 68 5.70 -6.98 2.11
CA THR A 68 5.89 -8.38 1.74
C THR A 68 6.83 -9.06 2.73
N SER A 69 6.37 -10.19 3.22
CA SER A 69 7.07 -10.97 4.21
C SER A 69 8.40 -11.46 3.66
N ASN A 70 9.43 -11.49 4.50
CA ASN A 70 10.72 -12.02 4.10
C ASN A 70 10.63 -13.44 3.51
N ARG A 71 9.75 -14.30 4.04
CA ARG A 71 9.64 -15.67 3.52
C ARG A 71 9.35 -15.70 2.03
N PHE A 72 8.68 -14.67 1.50
CA PHE A 72 8.33 -14.67 0.08
C PHE A 72 9.27 -13.84 -0.81
N LEU A 73 10.32 -13.27 -0.23
CA LEU A 73 11.21 -12.41 -0.99
C LEU A 73 12.42 -13.19 -1.48
N ASP A 74 12.83 -12.94 -2.71
CA ASP A 74 14.14 -13.37 -3.15
C ASP A 74 15.13 -12.28 -2.68
N SER A 75 15.53 -12.35 -1.43
CA SER A 75 16.36 -11.34 -0.81
C SER A 75 17.67 -11.09 -1.54
N LYS A 76 18.29 -12.14 -2.06
CA LYS A 76 19.57 -11.94 -2.71
C LYS A 76 19.42 -11.24 -4.04
N LYS A 77 18.34 -11.54 -4.77
CA LYS A 77 18.16 -10.87 -6.05
C LYS A 77 17.82 -9.41 -5.80
N LEU A 78 17.04 -9.16 -4.76
CA LEU A 78 16.72 -7.80 -4.37
C LEU A 78 17.99 -7.03 -4.03
N LEU A 79 18.80 -7.64 -3.18
CA LEU A 79 20.02 -7.03 -2.72
C LEU A 79 20.96 -6.73 -3.87
N ASP A 80 21.12 -7.69 -4.78
CA ASP A 80 21.99 -7.50 -5.94
C ASP A 80 21.50 -6.39 -6.86
N LYS A 81 20.20 -6.39 -7.17
CA LYS A 81 19.71 -5.49 -8.19
C LYS A 81 19.58 -4.05 -7.70
N LEU A 82 19.44 -3.83 -6.38
CA LEU A 82 19.38 -2.47 -5.85
C LEU A 82 20.79 -1.95 -5.47
N THR A 83 21.84 -2.72 -5.72
CA THR A 83 23.20 -2.23 -5.42
C THR A 83 24.14 -2.30 -6.63
N SER A 84 23.58 -2.55 -7.80
CA SER A 84 24.33 -2.58 -9.03
C SER A 84 23.51 -1.93 -10.11
N TYR A 85 24.15 -1.42 -11.14
CA TYR A 85 23.41 -0.89 -12.27
C TYR A 85 24.06 -1.21 -13.61
N HIS A 86 23.22 -1.43 -14.61
CA HIS A 86 23.71 -1.62 -15.95
C HIS A 86 23.29 -0.44 -16.84
N SER A 87 24.26 0.07 -17.59
CA SER A 87 24.10 1.22 -18.47
C SER A 87 23.04 0.98 -19.56
N ILE A 88 22.26 2.00 -19.90
CA ILE A 88 21.30 1.86 -21.00
C ILE A 88 21.85 2.50 -22.29
N PRO A 93 23.64 11.91 -29.60
CA PRO A 93 22.39 11.19 -29.85
C PRO A 93 21.15 12.04 -29.54
N TYR A 94 21.28 12.99 -28.61
CA TYR A 94 20.21 13.98 -28.37
C TYR A 94 20.46 15.27 -29.16
N PRO A 95 19.47 15.70 -29.94
CA PRO A 95 19.51 16.91 -30.75
C PRO A 95 19.51 18.16 -29.89
N ILE A 96 20.27 19.18 -30.30
CA ILE A 96 20.17 20.52 -29.72
C ILE A 96 19.91 21.58 -30.85
N ASN A 97 18.66 21.99 -31.04
CA ASN A 97 18.27 22.66 -32.29
C ASN A 97 17.21 23.78 -32.12
N HIS A 98 17.09 24.22 -30.88
CA HIS A 98 16.07 25.13 -30.40
C HIS A 98 16.61 26.37 -29.72
N GLU A 99 17.66 26.97 -30.31
CA GLU A 99 18.37 28.07 -29.65
C GLU A 99 17.46 29.27 -29.41
N ALA A 100 16.59 29.60 -30.35
CA ALA A 100 15.73 30.78 -30.16
C ALA A 100 14.83 30.58 -28.97
N GLN A 101 14.22 29.41 -28.87
CA GLN A 101 13.31 29.15 -27.76
C GLN A 101 14.04 29.14 -26.42
N VAL A 102 15.22 28.51 -26.39
CA VAL A 102 16.01 28.44 -25.17
C VAL A 102 16.34 29.87 -24.68
N HIS A 103 16.78 30.73 -25.59
CA HIS A 103 17.08 32.10 -25.18
C HIS A 103 15.85 32.88 -24.74
N SER A 104 14.71 32.69 -25.40
CA SER A 104 13.48 33.34 -24.95
C SER A 104 13.20 32.97 -23.52
N LEU A 105 13.38 31.69 -23.17
CA LEU A 105 13.10 31.27 -21.80
C LEU A 105 14.10 31.83 -20.82
N PHE A 106 15.39 31.86 -21.19
CA PHE A 106 16.42 32.49 -20.33
C PHE A 106 16.03 33.91 -19.93
N GLU A 107 15.62 34.70 -20.92
CA GLU A 107 15.27 36.11 -20.70
C GLU A 107 14.10 36.30 -19.74
N GLN A 108 13.38 35.23 -19.43
CA GLN A 108 12.29 35.32 -18.48
C GLN A 108 12.66 34.85 -17.08
N ILE A 109 13.89 34.40 -16.88
CA ILE A 109 14.28 33.99 -15.54
C ILE A 109 14.30 35.20 -14.63
N ASP A 110 13.53 35.09 -13.56
CA ASP A 110 13.43 36.13 -12.54
C ASP A 110 14.17 35.72 -11.26
N PRO A 111 15.46 36.09 -11.14
CA PRO A 111 16.29 35.76 -9.99
C PRO A 111 15.69 36.13 -8.61
N ALA A 112 14.93 37.22 -8.56
CA ALA A 112 14.29 37.61 -7.32
C ALA A 112 13.26 36.56 -6.87
N LYS A 113 12.57 35.97 -7.84
CA LYS A 113 11.53 35.02 -7.53
C LYS A 113 12.17 33.75 -6.96
N ILE A 114 13.32 33.37 -7.55
CA ILE A 114 14.16 32.29 -7.00
C ILE A 114 14.51 32.55 -5.55
N TRP A 115 15.10 33.71 -5.29
CA TRP A 115 15.56 34.05 -3.95
C TRP A 115 14.42 34.03 -2.95
N GLN A 116 13.26 34.55 -3.36
CA GLN A 116 12.11 34.59 -2.47
C GLN A 116 11.72 33.18 -1.98
N THR A 117 11.76 32.21 -2.89
CA THR A 117 11.44 30.83 -2.56
C THR A 117 12.36 30.31 -1.47
N ASN A 118 13.67 30.49 -1.68
CA ASN A 118 14.63 30.11 -0.66
C ASN A 118 14.36 30.76 0.67
N GLN A 119 14.00 32.04 0.65
CA GLN A 119 13.70 32.73 1.90
C GLN A 119 12.52 32.07 2.61
N HIS A 120 11.51 31.64 1.87
CA HIS A 120 10.36 31.04 2.51
C HIS A 120 10.69 29.67 3.13
N LEU A 121 11.32 28.79 2.35
CA LEU A 121 11.57 27.42 2.81
C LEU A 121 12.56 27.39 3.96
N THR A 122 13.54 28.29 3.89
CA THR A 122 14.58 28.34 4.87
C THR A 122 14.13 29.06 6.16
N SER A 123 12.95 29.67 6.12
CA SER A 123 12.42 30.33 7.31
C SER A 123 11.77 29.31 8.25
N TYR A 124 11.37 28.15 7.73
CA TYR A 124 10.89 27.05 8.58
C TYR A 124 11.98 26.61 9.54
N ILE A 125 11.60 26.24 10.75
CA ILE A 125 12.56 25.73 11.72
C ILE A 125 13.29 24.51 11.14
N ASN A 126 12.53 23.59 10.56
CA ASN A 126 13.06 22.52 9.71
C ASN A 126 11.95 22.16 8.74
N ARG A 127 12.27 21.31 7.77
CA ARG A 127 11.30 20.70 6.86
C ARG A 127 11.36 19.16 6.97
N SER A 128 11.42 18.66 8.20
CA SER A 128 11.56 17.22 8.45
C SER A 128 10.34 16.39 8.05
N ALA A 129 10.57 15.17 7.57
CA ALA A 129 9.46 14.31 7.16
C ALA A 129 8.55 13.91 8.32
N LYS A 130 9.04 14.08 9.55
CA LYS A 130 8.22 13.78 10.73
C LYS A 130 7.49 15.00 11.28
N SER A 131 7.89 16.21 10.91
CA SER A 131 7.37 17.39 11.62
C SER A 131 6.23 18.06 10.87
N ARG A 132 5.50 18.89 11.59
CA ARG A 132 4.39 19.66 11.05
C ARG A 132 4.91 20.65 9.99
N THR A 133 6.01 21.33 10.29
CA THR A 133 6.58 22.24 9.31
C THR A 133 6.96 21.51 8.05
N GLY A 134 7.53 20.31 8.20
CA GLY A 134 7.83 19.46 7.06
C GLY A 134 6.62 19.19 6.18
N VAL A 135 5.45 19.01 6.82
CA VAL A 135 4.20 18.83 6.09
C VAL A 135 3.78 20.13 5.39
N GLU A 136 3.88 21.25 6.10
CA GLU A 136 3.55 22.53 5.50
C GLU A 136 4.35 22.82 4.27
N ALA A 137 5.64 22.49 4.31
CA ALA A 137 6.48 22.79 3.16
C ALA A 137 5.94 22.09 1.92
N ALA A 138 5.51 20.84 2.09
CA ALA A 138 4.96 20.09 0.98
C ALA A 138 3.68 20.73 0.50
N GLN A 139 2.79 21.07 1.44
CA GLN A 139 1.53 21.70 1.06
C GLN A 139 1.75 23.02 0.36
N TRP A 140 2.69 23.80 0.90
CA TRP A 140 3.09 25.05 0.28
C TRP A 140 3.47 24.87 -1.20
N PHE A 141 4.36 23.92 -1.46
CA PHE A 141 4.84 23.66 -2.80
C PHE A 141 3.69 23.38 -3.75
N LYS A 142 2.77 22.53 -3.32
CA LYS A 142 1.63 22.14 -4.16
C LYS A 142 0.84 23.37 -4.53
N GLN A 143 0.57 24.18 -3.53
CA GLN A 143 -0.22 25.39 -3.71
C GLN A 143 0.50 26.40 -4.59
N GLN A 144 1.83 26.48 -4.49
CA GLN A 144 2.60 27.36 -5.39
C GLN A 144 2.41 26.95 -6.85
N PHE A 145 2.29 25.65 -7.09
CA PHE A 145 2.08 25.17 -8.45
C PHE A 145 0.65 25.49 -8.88
N ASP A 146 -0.31 25.08 -8.05
CA ASP A 146 -1.73 25.30 -8.34
C ASP A 146 -2.01 26.78 -8.64
N THR A 147 -1.48 27.65 -7.78
CA THR A 147 -1.65 29.08 -7.94
C THR A 147 -1.10 29.54 -9.29
N LEU A 148 0.14 29.16 -9.58
CA LEU A 148 0.77 29.52 -10.85
C LEU A 148 -0.06 29.08 -12.06
N ALA A 149 -0.59 27.86 -12.00
CA ALA A 149 -1.41 27.35 -13.09
C ALA A 149 -2.73 28.11 -13.22
N GLN A 150 -3.26 28.59 -12.09
CA GLN A 150 -4.48 29.37 -12.12
C GLN A 150 -4.18 30.78 -12.63
N ASP A 151 -3.07 31.35 -12.18
CA ASP A 151 -2.64 32.67 -12.62
C ASP A 151 -2.35 32.79 -14.11
N TYR A 152 -1.86 31.74 -14.72
CA TYR A 152 -1.60 31.80 -16.16
C TYR A 152 -2.66 31.06 -16.98
N GLY A 153 -3.81 30.79 -16.34
CA GLY A 153 -4.95 30.15 -16.96
C GLY A 153 -4.60 28.90 -17.74
N ARG A 154 -3.83 28.03 -17.10
CA ARG A 154 -3.45 26.77 -17.69
C ARG A 154 -4.25 25.61 -17.04
N LYS A 155 -5.14 25.00 -17.83
CA LYS A 155 -6.03 23.94 -17.34
C LYS A 155 -5.38 22.61 -17.59
N ASP A 156 -4.25 22.74 -18.27
CA ASP A 156 -3.51 21.69 -18.92
C ASP A 156 -2.65 20.88 -17.92
N VAL A 157 -3.04 20.93 -16.65
CA VAL A 157 -2.16 20.60 -15.54
C VAL A 157 -2.75 19.58 -14.57
N GLU A 158 -1.92 19.11 -13.66
CA GLU A 158 -2.35 18.24 -12.58
C GLU A 158 -1.40 18.39 -11.40
N SER A 159 -1.91 18.23 -10.18
CA SER A 159 -1.04 18.16 -9.00
C SER A 159 -1.66 17.23 -7.95
N TYR A 160 -0.85 16.35 -7.37
CA TYR A 160 -1.32 15.46 -6.32
C TYR A 160 -0.26 15.09 -5.32
N PHE A 161 -0.69 14.76 -4.12
CA PHE A 161 0.18 14.17 -3.12
C PHE A 161 0.41 12.71 -3.42
N VAL A 162 1.63 12.24 -3.15
CA VAL A 162 1.91 10.82 -3.10
C VAL A 162 2.38 10.47 -1.69
N LYS A 163 1.55 9.68 -1.00
CA LYS A 163 1.76 9.26 0.37
C LYS A 163 3.14 8.66 0.56
N THR A 164 3.80 8.99 1.66
CA THR A 164 5.12 8.41 1.94
C THR A 164 4.89 7.17 2.79
N GLY A 165 4.16 6.23 2.22
CA GLY A 165 3.73 5.03 2.92
C GLY A 165 3.03 5.40 4.22
N ASN A 166 3.32 4.63 5.25
CA ASN A 166 2.71 4.80 6.56
CA ASN A 166 2.68 4.91 6.54
C ASN A 166 3.73 5.30 7.54
N LYS A 167 4.93 5.57 7.05
CA LYS A 167 6.05 5.84 7.94
C LYS A 167 6.26 7.32 8.22
N PHE A 168 5.87 8.18 7.28
CA PHE A 168 6.15 9.62 7.41
C PHE A 168 4.98 10.51 7.00
N ILE A 169 4.60 11.43 7.89
CA ILE A 169 3.45 12.29 7.61
C ILE A 169 3.67 13.25 6.43
N GLN A 170 4.92 13.53 6.10
CA GLN A 170 5.20 14.43 4.98
C GLN A 170 5.02 13.70 3.64
N PRO A 171 4.13 14.20 2.78
CA PRO A 171 3.92 13.55 1.48
C PRO A 171 4.84 14.13 0.42
N SER A 172 5.02 13.40 -0.68
CA SER A 172 5.66 13.97 -1.85
C SER A 172 4.63 14.75 -2.65
N VAL A 173 5.07 15.63 -3.54
CA VAL A 173 4.15 16.35 -4.39
C VAL A 173 4.58 16.22 -5.84
N VAL A 174 3.66 15.71 -6.66
CA VAL A 174 3.88 15.52 -8.09
C VAL A 174 3.01 16.55 -8.82
N THR A 175 3.62 17.34 -9.71
CA THR A 175 2.88 18.27 -10.56
C THR A 175 3.30 18.04 -12.00
N VAL A 176 2.43 18.39 -12.94
CA VAL A 176 2.72 18.19 -14.34
C VAL A 176 2.12 19.29 -15.18
N ILE A 177 2.89 19.79 -16.14
CA ILE A 177 2.36 20.72 -17.10
C ILE A 177 2.24 20.01 -18.46
N GLY A 178 1.04 20.07 -19.03
CA GLY A 178 0.76 19.43 -20.29
C GLY A 178 0.36 17.98 -20.06
N LYS A 179 -0.63 17.75 -19.20
CA LYS A 179 -1.12 16.40 -18.85
C LYS A 179 -1.59 15.63 -20.08
N ASP A 180 -2.07 16.35 -21.09
CA ASP A 180 -2.66 15.70 -22.27
C ASP A 180 -1.67 15.59 -23.42
N LYS A 181 -0.43 16.02 -23.22
CA LYS A 181 0.55 15.93 -24.30
C LYS A 181 0.93 14.48 -24.57
N PRO A 182 1.22 14.15 -25.83
CA PRO A 182 1.59 12.78 -26.21
C PRO A 182 3.05 12.46 -25.87
N GLY A 183 3.36 11.21 -25.61
CA GLY A 183 4.76 10.86 -25.47
C GLY A 183 5.32 10.63 -24.09
N GLU A 184 6.61 10.35 -24.05
CA GLU A 184 7.24 10.08 -22.79
C GLU A 184 7.52 11.40 -22.12
N ALA A 185 7.32 11.42 -20.82
CA ALA A 185 7.39 12.64 -20.07
C ALA A 185 8.84 13.02 -19.71
N ILE A 186 9.00 14.26 -19.28
CA ILE A 186 10.23 14.71 -18.72
C ILE A 186 9.95 14.95 -17.26
N VAL A 187 10.88 14.52 -16.40
CA VAL A 187 10.71 14.71 -14.97
C VAL A 187 11.84 15.59 -14.39
N ILE A 188 11.44 16.58 -13.63
CA ILE A 188 12.32 17.39 -12.81
C ILE A 188 11.97 17.13 -11.35
N GLY A 189 12.96 16.90 -10.50
CA GLY A 189 12.68 16.64 -9.11
C GLY A 189 13.69 17.25 -8.17
N ALA A 190 13.27 17.50 -6.94
CA ALA A 190 14.14 17.96 -5.88
C ALA A 190 13.51 17.49 -4.59
N HIS A 191 14.26 17.37 -3.51
CA HIS A 191 13.62 16.94 -2.28
C HIS A 191 13.37 18.12 -1.33
N ILE A 192 12.19 18.10 -0.70
CA ILE A 192 11.68 19.21 0.10
C ILE A 192 12.13 19.13 1.56
N ASP A 193 12.58 17.96 1.97
CA ASP A 193 12.71 17.68 3.39
C ASP A 193 14.11 18.02 3.90
N THR A 194 14.24 17.98 5.22
CA THR A 194 15.52 18.12 5.88
C THR A 194 15.57 17.22 7.11
N LEU A 195 16.69 17.21 7.83
CA LEU A 195 16.73 16.53 9.14
C LEU A 195 15.90 17.24 10.21
N ASP A 196 15.82 16.63 11.39
CA ASP A 196 15.09 17.21 12.52
C ASP A 196 15.90 18.29 13.19
N GLY A 197 15.22 19.04 14.05
CA GLY A 197 15.85 20.08 14.84
C GLY A 197 15.85 21.40 14.12
N ASN A 198 16.95 22.13 14.22
CA ASN A 198 17.07 23.39 13.54
C ASN A 198 17.89 23.28 12.24
N MET A 199 17.18 23.17 11.13
CA MET A 199 17.79 22.85 9.84
C MET A 199 17.17 23.71 8.76
N PRO A 200 17.83 24.82 8.44
CA PRO A 200 17.35 25.69 7.36
C PRO A 200 17.41 24.98 6.03
N GLY A 201 18.38 24.07 5.90
CA GLY A 201 18.53 23.24 4.72
C GLY A 201 18.53 24.08 3.47
N ALA A 202 19.24 25.20 3.55
CA ALA A 202 19.25 26.15 2.46
C ALA A 202 19.79 25.54 1.17
N ASP A 203 21.06 25.16 1.17
CA ASP A 203 21.62 24.49 0.00
C ASP A 203 21.05 23.07 -0.12
N ASP A 204 20.93 22.36 0.99
CA ASP A 204 20.37 21.01 0.94
C ASP A 204 18.88 21.11 0.73
N ASP A 205 18.68 21.55 -0.50
CA ASP A 205 17.53 21.56 -1.37
C ASP A 205 16.36 22.45 -1.18
N SER A 206 16.50 23.48 -0.37
CA SER A 206 15.68 24.64 -0.68
C SER A 206 16.13 25.06 -2.09
N SER A 207 17.44 25.09 -2.30
CA SER A 207 17.99 25.49 -3.60
C SER A 207 17.35 24.71 -4.76
N GLY A 208 17.48 23.39 -4.74
CA GLY A 208 16.88 22.58 -5.77
C GLY A 208 15.41 22.86 -5.99
N ILE A 209 14.65 22.90 -4.91
CA ILE A 209 13.23 23.24 -4.99
C ILE A 209 13.01 24.59 -5.65
N SER A 210 13.76 25.60 -5.21
CA SER A 210 13.56 26.93 -5.77
C SER A 210 13.81 26.94 -7.27
N VAL A 211 14.88 26.26 -7.68
CA VAL A 211 15.25 26.23 -9.09
C VAL A 211 14.15 25.65 -9.96
N GLU A 212 13.55 24.55 -9.52
CA GLU A 212 12.52 23.91 -10.34
C GLU A 212 11.23 24.69 -10.28
N LEU A 213 10.98 25.38 -9.16
CA LEU A 213 9.78 26.22 -9.08
C LEU A 213 9.87 27.34 -10.09
N GLU A 214 11.04 27.97 -10.20
CA GLU A 214 11.26 28.98 -11.24
C GLU A 214 11.13 28.40 -12.66
N MET A 215 11.68 27.21 -12.85
CA MET A 215 11.54 26.52 -14.15
C MET A 215 10.06 26.38 -14.53
N ALA A 216 9.27 25.92 -13.57
CA ALA A 216 7.82 25.78 -13.76
C ALA A 216 7.19 27.12 -14.10
N ARG A 217 7.59 28.16 -13.42
CA ARG A 217 6.97 29.44 -13.64
C ARG A 217 7.35 30.04 -14.99
N VAL A 218 8.61 29.94 -15.36
CA VAL A 218 9.02 30.30 -16.70
C VAL A 218 8.23 29.55 -17.79
N VAL A 219 8.12 28.24 -17.64
CA VAL A 219 7.31 27.44 -18.56
C VAL A 219 5.84 27.92 -18.66
N PHE A 220 5.23 28.28 -17.53
CA PHE A 220 3.86 28.79 -17.56
C PHE A 220 3.76 30.10 -18.34
N SER A 221 4.78 30.95 -18.19
CA SER A 221 4.78 32.26 -18.85
C SER A 221 5.34 32.19 -20.28
N SER A 222 5.87 31.03 -20.67
CA SER A 222 6.32 30.81 -22.06
C SER A 222 5.25 31.06 -23.14
N ASN A 223 5.70 31.41 -24.35
CA ASN A 223 4.82 31.67 -25.48
C ASN A 223 4.60 30.42 -26.35
N PHE A 224 5.40 29.38 -26.10
CA PHE A 224 5.25 28.12 -26.78
C PHE A 224 4.93 27.01 -25.77
N GLU A 225 4.24 26.00 -26.26
CA GLU A 225 3.91 24.85 -25.45
C GLU A 225 4.99 23.78 -25.69
N LEU A 226 5.03 22.77 -24.83
CA LEU A 226 5.96 21.67 -25.07
C LEU A 226 5.18 20.55 -25.73
N ASN A 227 5.87 19.63 -26.38
CA ASN A 227 5.18 18.48 -26.97
C ASN A 227 5.15 17.25 -26.09
N ARG A 228 5.59 17.38 -24.84
CA ARG A 228 5.61 16.28 -23.87
C ARG A 228 5.10 16.84 -22.57
N PRO A 229 4.51 16.00 -21.71
CA PRO A 229 4.29 16.43 -20.32
C PRO A 229 5.62 16.67 -19.60
N ILE A 230 5.65 17.72 -18.77
CA ILE A 230 6.78 17.99 -17.91
C ILE A 230 6.33 17.85 -16.48
N TYR A 231 7.02 17.03 -15.72
CA TYR A 231 6.70 16.89 -14.30
C TYR A 231 7.64 17.70 -13.43
N PHE A 232 7.07 18.30 -12.40
CA PHE A 232 7.91 18.91 -11.40
C PHE A 232 7.55 18.25 -10.09
N ILE A 233 8.56 17.73 -9.39
CA ILE A 233 8.35 16.93 -8.20
C ILE A 233 9.12 17.42 -6.98
N ALA A 234 8.40 17.47 -5.86
CA ALA A 234 8.99 17.67 -4.53
C ALA A 234 8.97 16.36 -3.71
N TYR A 235 10.11 15.70 -3.60
CA TYR A 235 10.20 14.45 -2.85
C TYR A 235 10.16 14.68 -1.35
N ALA A 236 9.32 13.91 -0.68
CA ALA A 236 9.35 13.84 0.78
C ALA A 236 10.53 12.97 1.23
N ALA A 237 10.95 13.15 2.47
CA ALA A 237 11.76 12.17 3.18
C ALA A 237 13.01 11.66 2.46
N GLU A 238 13.63 12.52 1.66
CA GLU A 238 14.89 12.10 1.02
C GLU A 238 15.95 11.80 2.08
N GLU A 239 15.85 12.49 3.22
CA GLU A 239 16.80 12.33 4.31
C GLU A 239 16.51 11.08 5.12
N ARG A 240 15.54 10.29 4.66
CA ARG A 240 15.21 9.00 5.30
C ARG A 240 15.40 7.85 4.32
N GLY A 241 16.63 7.69 3.82
CA GLY A 241 16.93 6.64 2.87
C GLY A 241 16.18 6.72 1.55
N LEU A 242 15.95 7.95 1.10
CA LEU A 242 15.35 8.20 -0.22
C LEU A 242 13.94 7.63 -0.35
N ILE A 243 13.24 7.47 0.76
CA ILE A 243 11.97 6.75 0.69
C ILE A 243 10.86 7.52 -0.05
N GLY A 244 10.86 8.86 0.01
CA GLY A 244 9.84 9.62 -0.72
C GLY A 244 9.83 9.35 -2.22
N SER A 245 10.98 9.54 -2.89
CA SER A 245 11.09 9.26 -4.31
C SER A 245 10.88 7.78 -4.63
N GLY A 246 11.21 6.91 -3.68
CA GLY A 246 10.86 5.50 -3.77
C GLY A 246 9.39 5.34 -4.12
N TYR A 247 8.54 5.84 -3.24
CA TYR A 247 7.10 5.83 -3.48
C TYR A 247 6.70 6.51 -4.77
N VAL A 248 7.30 7.68 -5.06
CA VAL A 248 6.95 8.38 -6.29
C VAL A 248 7.27 7.52 -7.54
N VAL A 249 8.45 6.90 -7.58
CA VAL A 249 8.81 6.10 -8.74
C VAL A 249 7.85 4.90 -8.89
N GLN A 250 7.53 4.28 -7.76
CA GLN A 250 6.54 3.21 -7.76
C GLN A 250 5.19 3.73 -8.28
N ASP A 251 4.81 4.95 -7.90
CA ASP A 251 3.55 5.51 -8.38
C ASP A 251 3.57 5.73 -9.90
N PHE A 252 4.70 6.16 -10.44
CA PHE A 252 4.85 6.29 -11.89
C PHE A 252 4.78 4.90 -12.57
N LEU A 253 5.32 3.89 -11.90
CA LEU A 253 5.33 2.55 -12.46
C LEU A 253 3.92 1.96 -12.49
N GLN A 254 3.21 2.11 -11.38
CA GLN A 254 1.83 1.67 -11.29
C GLN A 254 0.92 2.36 -12.29
N LYS A 255 1.11 3.67 -12.47
CA LYS A 255 0.27 4.41 -13.38
C LYS A 255 0.75 4.27 -14.81
N LYS A 256 1.81 3.49 -14.99
CA LYS A 256 2.33 3.25 -16.32
C LYS A 256 2.67 4.53 -17.08
N ILE A 257 3.02 5.60 -16.37
CA ILE A 257 3.48 6.82 -17.04
C ILE A 257 4.84 6.64 -17.70
N PRO A 258 4.89 6.81 -19.03
CA PRO A 258 6.22 6.65 -19.67
C PRO A 258 7.10 7.88 -19.49
N VAL A 259 8.37 7.66 -19.20
CA VAL A 259 9.30 8.73 -18.86
C VAL A 259 10.65 8.59 -19.57
N LYS A 260 10.97 9.60 -20.37
CA LYS A 260 12.15 9.61 -21.23
C LYS A 260 13.40 10.12 -20.52
N ALA A 261 13.23 10.91 -19.47
CA ALA A 261 14.35 11.63 -18.86
C ALA A 261 14.01 12.23 -17.53
N VAL A 262 14.97 12.14 -16.61
CA VAL A 262 14.83 12.61 -15.26
C VAL A 262 16.05 13.45 -14.85
N MET A 263 15.77 14.65 -14.34
CA MET A 263 16.77 15.54 -13.75
C MET A 263 16.57 15.65 -12.25
N GLN A 264 17.66 15.47 -11.51
CA GLN A 264 17.65 15.63 -10.06
C GLN A 264 18.41 16.85 -9.66
N LEU A 265 17.75 17.68 -8.87
CA LEU A 265 18.34 18.89 -8.35
C LEU A 265 18.50 18.74 -6.86
N ASP A 266 19.70 18.39 -6.43
CA ASP A 266 19.98 18.29 -5.01
C ASP A 266 21.27 19.11 -4.74
N GLN A 267 21.10 20.20 -3.99
CA GLN A 267 22.15 21.23 -3.78
C GLN A 267 22.55 21.93 -5.06
N ALA A 268 21.80 22.98 -5.39
CA ALA A 268 22.06 23.78 -6.59
C ALA A 268 22.52 25.20 -6.30
N GLY A 269 22.97 25.48 -5.07
CA GLY A 269 23.17 26.86 -4.69
C GLY A 269 24.41 27.31 -3.95
N TYR A 270 25.31 26.39 -3.66
CA TYR A 270 26.49 26.73 -2.88
C TYR A 270 27.73 26.63 -3.73
N ARG A 271 28.52 27.69 -3.72
CA ARG A 271 29.81 27.63 -4.37
C ARG A 271 30.90 27.54 -3.33
N ALA A 272 31.84 26.62 -3.55
CA ALA A 272 32.98 26.46 -2.65
C ALA A 272 33.85 27.73 -2.74
N ASN A 273 34.21 28.11 -3.97
CA ASN A 273 34.80 29.42 -4.24
C ASN A 273 33.77 30.28 -4.94
N ALA A 274 33.36 31.36 -4.28
CA ALA A 274 32.22 32.19 -4.73
C ALA A 274 32.27 32.74 -6.16
N LYS A 275 33.39 32.61 -6.85
CA LYS A 275 33.39 32.96 -8.28
C LYS A 275 33.85 31.79 -9.14
N ASP A 276 33.67 30.57 -8.64
CA ASP A 276 34.03 29.38 -9.38
C ASP A 276 33.09 29.20 -10.61
N GLN A 277 31.76 29.27 -10.47
CA GLN A 277 30.92 29.01 -11.68
C GLN A 277 30.97 27.66 -12.40
N THR A 278 31.82 26.75 -11.95
CA THR A 278 31.78 25.39 -12.49
C THR A 278 30.53 24.64 -12.01
N ILE A 279 29.88 23.92 -12.90
CA ILE A 279 28.83 23.00 -12.47
C ILE A 279 29.29 21.55 -12.71
N TRP A 280 29.06 20.70 -11.72
CA TRP A 280 29.55 19.33 -11.74
C TRP A 280 28.43 18.33 -12.05
N LEU A 281 28.72 17.40 -12.96
CA LEU A 281 27.80 16.33 -13.30
C LEU A 281 28.25 15.06 -12.62
N LEU A 282 27.30 14.23 -12.21
CA LEU A 282 27.63 13.00 -11.51
C LEU A 282 27.81 11.91 -12.52
N LYS A 283 28.78 11.03 -12.30
CA LYS A 283 28.97 9.98 -13.31
C LYS A 283 28.54 8.58 -12.89
N ASP A 284 28.20 8.36 -11.62
CA ASP A 284 27.65 7.06 -11.27
C ASP A 284 26.13 7.11 -11.01
N TYR A 285 25.47 6.01 -11.31
CA TYR A 285 24.05 5.88 -11.04
C TYR A 285 23.22 6.88 -11.83
N VAL A 286 23.73 7.27 -12.99
CA VAL A 286 23.05 8.17 -13.92
C VAL A 286 23.18 7.59 -15.32
N ASP A 287 22.39 8.08 -16.26
CA ASP A 287 22.52 7.70 -17.67
C ASP A 287 23.65 8.48 -18.30
N LYS A 288 24.60 7.78 -18.92
CA LYS A 288 25.74 8.44 -19.53
C LYS A 288 25.32 9.26 -20.73
N GLY A 289 24.37 8.76 -21.51
CA GLY A 289 23.80 9.50 -22.62
C GLY A 289 23.14 10.80 -22.23
N LEU A 290 22.22 10.75 -21.27
CA LEU A 290 21.56 11.93 -20.75
C LEU A 290 22.57 12.90 -20.12
N THR A 291 23.60 12.34 -19.50
CA THR A 291 24.66 13.16 -18.88
C THR A 291 25.54 13.88 -19.90
N GLU A 292 25.89 13.23 -21.00
CA GLU A 292 26.65 13.94 -22.03
C GLU A 292 25.79 15.06 -22.58
N PHE A 293 24.50 14.80 -22.73
CA PHE A 293 23.52 15.80 -23.18
C PHE A 293 23.53 17.03 -22.27
N THR A 294 23.46 16.78 -20.95
CA THR A 294 23.47 17.89 -19.98
C THR A 294 24.77 18.70 -20.10
N ALA A 295 25.90 18.00 -20.23
CA ALA A 295 27.19 18.63 -20.46
C ALA A 295 27.15 19.59 -21.68
N GLU A 296 26.57 19.15 -22.79
CA GLU A 296 26.56 20.04 -23.94
C GLU A 296 25.58 21.19 -23.81
N LEU A 297 24.57 21.03 -22.97
CA LEU A 297 23.65 22.13 -22.70
C LEU A 297 24.40 23.18 -21.90
N LEU A 298 25.19 22.72 -20.93
CA LEU A 298 25.99 23.63 -20.11
C LEU A 298 26.97 24.43 -20.96
N THR A 299 27.69 23.74 -21.83
CA THR A 299 28.65 24.42 -22.67
C THR A 299 27.97 25.32 -23.69
N ARG A 300 27.00 24.78 -24.41
CA ARG A 300 26.35 25.53 -25.49
C ARG A 300 25.49 26.68 -24.99
N TYR A 301 24.76 26.50 -23.90
CA TYR A 301 23.79 27.51 -23.49
C TYR A 301 24.13 28.24 -22.19
N VAL A 302 24.50 27.49 -21.15
CA VAL A 302 24.76 28.12 -19.87
C VAL A 302 26.15 28.75 -19.90
N LYS A 303 26.96 28.32 -20.87
CA LYS A 303 28.35 28.74 -21.05
C LYS A 303 29.10 28.67 -19.73
N THR A 304 29.11 27.48 -19.15
CA THR A 304 29.76 27.20 -17.88
C THR A 304 30.80 26.09 -18.04
N PRO A 305 31.89 26.16 -17.25
CA PRO A 305 32.80 25.01 -17.28
C PRO A 305 32.09 23.77 -16.76
N VAL A 306 32.31 22.64 -17.40
CA VAL A 306 31.65 21.40 -16.97
C VAL A 306 32.58 20.50 -16.19
N GLY A 307 32.32 20.33 -14.90
CA GLY A 307 33.05 19.35 -14.10
C GLY A 307 32.35 18.00 -13.89
N TYR A 308 33.06 17.06 -13.30
CA TYR A 308 32.50 15.75 -12.98
C TYR A 308 32.86 15.35 -11.54
N THR A 309 31.95 14.62 -10.91
CA THR A 309 32.13 14.16 -9.54
C THR A 309 31.50 12.77 -9.33
N LYS A 310 31.85 12.13 -8.22
CA LYS A 310 31.29 10.83 -7.88
C LYS A 310 30.56 10.92 -6.53
N CYS A 311 29.65 9.98 -6.28
CA CYS A 311 28.83 9.98 -5.06
C CYS A 311 28.90 8.64 -4.34
N GLY A 312 28.57 8.64 -3.06
CA GLY A 312 28.37 7.41 -2.31
C GLY A 312 27.12 6.65 -2.75
N TYR A 313 26.88 5.52 -2.09
CA TYR A 313 25.67 4.72 -2.29
C TYR A 313 24.41 5.48 -1.91
N ALA A 314 23.33 5.27 -2.66
CA ALA A 314 22.01 5.85 -2.32
C ALA A 314 22.16 7.35 -2.10
N CYS A 315 22.91 7.93 -3.03
CA CYS A 315 23.31 9.31 -2.99
C CYS A 315 22.13 10.28 -2.93
N SER A 316 21.16 10.08 -3.81
CA SER A 316 20.04 11.00 -3.86
C SER A 316 18.92 10.39 -4.69
N ASP A 317 17.83 11.13 -4.85
CA ASP A 317 16.60 10.54 -5.37
C ASP A 317 16.74 9.92 -6.77
N HIS A 318 17.69 10.43 -7.57
CA HIS A 318 17.93 9.89 -8.89
C HIS A 318 18.12 8.38 -8.86
N VAL A 319 18.71 7.89 -7.77
CA VAL A 319 18.95 6.47 -7.54
C VAL A 319 17.69 5.62 -7.65
N ASN A 320 16.58 6.10 -7.11
CA ASN A 320 15.33 5.36 -7.25
C ASN A 320 14.86 5.27 -8.72
N TRP A 321 15.07 6.34 -9.49
CA TRP A 321 14.75 6.25 -10.89
C TRP A 321 15.66 5.25 -11.64
N THR A 322 16.98 5.36 -11.50
CA THR A 322 17.83 4.48 -12.27
C THR A 322 17.63 3.02 -11.84
N ASN A 323 17.36 2.78 -10.55
CA ASN A 323 17.06 1.41 -10.11
C ASN A 323 15.87 0.79 -10.83
N GLU A 324 14.98 1.63 -11.37
CA GLU A 324 13.78 1.12 -12.02
C GLU A 324 13.83 1.28 -13.52
N GLY A 325 15.03 1.46 -14.06
CA GLY A 325 15.22 1.53 -15.49
C GLY A 325 14.97 2.88 -16.14
N PHE A 326 14.82 3.94 -15.36
CA PHE A 326 14.65 5.25 -15.96
C PHE A 326 15.96 5.99 -16.14
N LYS A 327 16.06 6.77 -17.23
CA LYS A 327 17.26 7.56 -17.51
C LYS A 327 17.32 8.82 -16.70
N THR A 328 18.50 9.09 -16.17
CA THR A 328 18.69 10.01 -15.08
C THR A 328 19.90 10.88 -15.29
N THR A 329 19.78 12.16 -14.96
CA THR A 329 20.95 13.03 -14.90
C THR A 329 20.90 13.91 -13.64
N TYR A 330 22.06 14.24 -13.10
CA TYR A 330 22.15 14.94 -11.81
C TYR A 330 23.24 16.02 -11.81
N PRO A 331 22.88 17.28 -12.15
CA PRO A 331 23.86 18.38 -12.02
C PRO A 331 23.99 18.83 -10.55
N SER A 332 25.21 19.07 -10.09
CA SER A 332 25.43 19.45 -8.69
C SER A 332 26.32 20.70 -8.48
N ALA A 333 26.00 21.46 -7.44
CA ALA A 333 26.72 22.68 -7.06
C ALA A 333 28.20 22.47 -6.71
N THR A 334 28.53 21.31 -6.13
CA THR A 334 29.88 21.05 -5.62
C THR A 334 30.43 19.69 -6.08
N THR A 335 31.75 19.54 -6.07
CA THR A 335 32.41 18.23 -6.21
C THR A 335 32.40 17.56 -4.86
N LEU A 336 32.69 16.26 -4.82
CA LEU A 336 32.75 15.54 -3.56
C LEU A 336 33.93 15.92 -2.64
N ASP A 337 34.96 16.57 -3.16
CA ASP A 337 36.05 16.98 -2.27
C ASP A 337 36.04 18.44 -1.82
N ASP A 338 35.68 19.40 -2.66
CA ASP A 338 35.46 20.71 -2.07
C ASP A 338 33.93 20.86 -1.98
N ASP A 339 33.42 20.46 -0.80
CA ASP A 339 32.01 20.27 -0.48
C ASP A 339 31.32 21.47 0.10
N ASN A 340 30.02 21.27 0.32
CA ASN A 340 29.30 22.12 1.23
C ASN A 340 29.49 21.52 2.63
N PRO A 341 30.35 22.11 3.46
CA PRO A 341 30.58 21.57 4.81
C PRO A 341 29.40 21.79 5.74
N TYR A 342 28.41 22.59 5.32
CA TYR A 342 27.33 22.94 6.22
C TYR A 342 26.06 22.11 6.10
N VAL A 343 25.96 21.25 5.07
CA VAL A 343 24.75 20.46 4.87
C VAL A 343 24.46 19.59 6.09
N HIS A 344 23.17 19.46 6.39
CA HIS A 344 22.68 18.76 7.57
C HIS A 344 23.07 19.42 8.88
N THR A 345 23.42 20.69 8.85
CA THR A 345 23.63 21.40 10.11
C THR A 345 22.77 22.64 10.16
N SER A 346 22.70 23.25 11.33
CA SER A 346 22.04 24.55 11.51
C SER A 346 22.64 25.66 10.65
N ASN A 347 23.84 25.43 10.11
CA ASN A 347 24.49 26.46 9.29
C ASN A 347 24.34 26.30 7.78
N ASP A 348 23.42 25.44 7.34
CA ASP A 348 23.03 25.39 5.92
C ASP A 348 22.03 26.52 5.72
N THR A 349 22.52 27.76 5.78
CA THR A 349 21.65 28.93 5.83
C THR A 349 21.54 29.67 4.52
N LEU A 350 20.47 30.43 4.41
CA LEU A 350 20.19 31.29 3.27
C LEU A 350 21.45 32.04 2.79
N ASP A 351 22.25 32.54 3.72
CA ASP A 351 23.38 33.41 3.40
C ASP A 351 24.56 32.69 2.73
N ILE A 352 24.46 31.38 2.72
CA ILE A 352 25.42 30.50 2.10
C ILE A 352 25.15 30.33 0.58
N LEU A 353 23.91 30.57 0.19
CA LEU A 353 23.48 30.42 -1.21
C LEU A 353 24.05 31.44 -2.17
N ASN A 354 24.53 30.98 -3.32
CA ASN A 354 24.93 31.86 -4.42
C ASN A 354 23.82 31.96 -5.47
N LEU A 355 23.22 33.15 -5.63
CA LEU A 355 22.11 33.33 -6.56
C LEU A 355 22.53 33.22 -8.01
N GLU A 356 23.75 33.61 -8.35
CA GLU A 356 24.21 33.43 -9.73
C GLU A 356 24.23 31.93 -10.09
N HIS A 357 24.63 31.12 -9.12
CA HIS A 357 24.74 29.67 -9.28
C HIS A 357 23.40 28.97 -9.52
N MET A 358 22.40 29.36 -8.76
CA MET A 358 21.04 28.90 -8.93
C MET A 358 20.45 29.35 -10.26
N VAL A 359 20.69 30.60 -10.62
CA VAL A 359 20.24 31.09 -11.92
C VAL A 359 20.81 30.19 -13.00
N ASN A 360 22.08 29.80 -12.90
CA ASN A 360 22.68 28.91 -13.91
C ASN A 360 22.01 27.52 -13.94
N PHE A 361 21.72 26.93 -12.77
CA PHE A 361 20.93 25.68 -12.74
C PHE A 361 19.53 25.86 -13.32
N THR A 362 18.91 27.01 -13.10
CA THR A 362 17.64 27.29 -13.78
C THR A 362 17.81 27.33 -15.29
N LYS A 363 18.87 27.98 -15.76
CA LYS A 363 19.16 27.98 -17.20
C LYS A 363 19.29 26.54 -17.70
N LEU A 364 20.12 25.77 -17.02
CA LEU A 364 20.34 24.39 -17.43
C LEU A 364 19.04 23.61 -17.51
N GLY A 365 18.26 23.66 -16.45
CA GLY A 365 16.93 23.07 -16.43
C GLY A 365 16.04 23.45 -17.59
N LEU A 366 16.03 24.73 -17.95
CA LEU A 366 15.14 25.20 -19.01
C LEU A 366 15.62 24.74 -20.39
N ALA A 367 16.93 24.77 -20.64
CA ALA A 367 17.49 24.21 -21.88
C ALA A 367 17.14 22.71 -21.99
N PHE A 368 17.32 22.02 -20.87
CA PHE A 368 16.93 20.62 -20.74
C PHE A 368 15.48 20.42 -21.17
N ILE A 369 14.59 21.20 -20.56
CA ILE A 369 13.17 21.11 -20.87
C ILE A 369 12.86 21.46 -22.32
N VAL A 370 13.51 22.49 -22.87
CA VAL A 370 13.19 22.88 -24.25
C VAL A 370 13.73 21.85 -25.24
N GLU A 371 14.99 21.47 -25.11
CA GLU A 371 15.54 20.62 -26.14
C GLU A 371 14.97 19.20 -26.10
N LEU A 372 14.59 18.71 -24.91
CA LEU A 372 13.86 17.45 -24.85
C LEU A 372 12.36 17.65 -25.16
N GLY A 373 11.80 18.76 -24.66
CA GLY A 373 10.37 19.06 -24.76
C GLY A 373 9.87 19.27 -26.17
N LEU A 374 10.77 19.74 -27.04
CA LEU A 374 10.44 19.95 -28.43
C LEU A 374 11.33 19.09 -29.42
N ASN A 375 12.09 18.13 -28.88
CA ASN A 375 12.92 17.18 -29.67
C ASN A 375 13.80 17.77 -30.77
N GLU B 6 -3.15 -2.84 -13.51
CA GLU B 6 -3.79 -3.41 -14.69
C GLU B 6 -3.91 -4.94 -14.58
N GLU B 7 -2.77 -5.58 -14.28
CA GLU B 7 -2.69 -7.03 -14.17
C GLU B 7 -2.85 -7.52 -12.74
N ASP B 8 -3.69 -8.52 -12.57
CA ASP B 8 -3.86 -9.14 -11.27
C ASP B 8 -3.01 -10.40 -11.15
N ARG B 9 -2.50 -10.67 -9.96
CA ARG B 9 -1.75 -11.90 -9.75
C ARG B 9 -2.54 -12.79 -8.82
N ILE B 10 -2.89 -13.96 -9.31
CA ILE B 10 -3.80 -14.86 -8.62
C ILE B 10 -3.31 -16.30 -8.65
N ILE B 11 -3.81 -17.10 -7.72
CA ILE B 11 -3.51 -18.50 -7.69
C ILE B 11 -4.76 -19.28 -8.05
N VAL B 12 -4.66 -20.16 -9.04
CA VAL B 12 -5.79 -20.94 -9.51
C VAL B 12 -5.43 -22.43 -9.54
N SER B 13 -6.45 -23.28 -9.46
CA SER B 13 -6.25 -24.70 -9.70
C SER B 13 -5.78 -24.91 -11.13
N ASN B 14 -4.96 -25.94 -11.35
CA ASN B 14 -4.56 -26.26 -12.73
C ASN B 14 -5.76 -26.50 -13.64
N CYS B 15 -6.85 -27.02 -13.07
CA CYS B 15 -8.13 -27.12 -13.75
C CYS B 15 -8.54 -25.78 -14.35
N LEU B 16 -8.59 -24.77 -13.50
CA LEU B 16 -8.92 -23.42 -13.90
C LEU B 16 -7.85 -22.81 -14.81
N TYR B 17 -6.59 -23.17 -14.58
CA TYR B 17 -5.51 -22.62 -15.37
C TYR B 17 -5.77 -22.87 -16.86
N GLU B 18 -6.19 -24.09 -17.16
CA GLU B 18 -6.38 -24.51 -18.54
C GLU B 18 -7.42 -23.66 -19.28
N GLN B 19 -8.37 -23.11 -18.54
CA GLN B 19 -9.34 -22.18 -19.10
C GLN B 19 -8.81 -20.76 -19.28
N LEU B 20 -7.66 -20.46 -18.68
CA LEU B 20 -7.20 -19.07 -18.63
C LEU B 20 -5.87 -18.82 -19.34
N LYS B 21 -5.15 -19.90 -19.65
CA LYS B 21 -3.80 -19.87 -20.22
C LYS B 21 -3.51 -18.78 -21.23
N ASP B 22 -4.36 -18.67 -22.24
CA ASP B 22 -4.04 -17.89 -23.42
C ASP B 22 -3.91 -16.43 -23.04
N LYS B 23 -4.52 -16.04 -21.93
CA LYS B 23 -4.53 -14.64 -21.53
C LYS B 23 -3.59 -14.35 -20.36
N ALA B 24 -2.91 -15.36 -19.86
CA ALA B 24 -2.13 -15.21 -18.64
C ALA B 24 -0.61 -15.31 -18.86
N ARG B 25 0.12 -14.80 -17.88
CA ARG B 25 1.52 -15.07 -17.72
C ARG B 25 1.64 -16.10 -16.61
N LEU B 26 2.24 -17.24 -16.91
CA LEU B 26 2.49 -18.24 -15.91
C LEU B 26 3.73 -17.81 -15.13
N ILE B 27 3.57 -17.54 -13.85
CA ILE B 27 4.69 -17.13 -13.05
C ILE B 27 5.31 -18.36 -12.37
N ALA B 28 4.49 -19.19 -11.73
CA ALA B 28 5.00 -20.41 -11.12
C ALA B 28 3.95 -21.50 -11.22
N GLN B 29 4.38 -22.75 -11.20
CA GLN B 29 3.41 -23.84 -11.31
C GLN B 29 3.80 -25.02 -10.44
N SER B 30 2.79 -25.67 -9.86
CA SER B 30 2.96 -26.88 -9.07
C SER B 30 2.19 -28.01 -9.74
N ASP B 31 2.12 -29.18 -9.11
CA ASP B 31 1.37 -30.28 -9.68
C ASP B 31 -0.07 -29.92 -9.91
N HIS B 32 -0.61 -29.12 -9.00
CA HIS B 32 -2.04 -28.86 -8.95
C HIS B 32 -2.47 -27.41 -9.10
N PHE B 33 -1.55 -26.48 -8.86
CA PHE B 33 -1.92 -25.07 -8.92
C PHE B 33 -0.99 -24.22 -9.78
N SER B 34 -1.55 -23.11 -10.28
CA SER B 34 -0.78 -22.14 -11.06
C SER B 34 -0.85 -20.74 -10.43
N PHE B 35 0.31 -20.08 -10.41
CA PHE B 35 0.39 -18.71 -9.94
C PHE B 35 0.53 -17.89 -11.20
N ILE B 36 -0.47 -17.07 -11.49
CA ILE B 36 -0.52 -16.40 -12.78
C ILE B 36 -0.73 -14.90 -12.63
N ALA B 37 -0.44 -14.19 -13.71
CA ALA B 37 -0.77 -12.78 -13.85
C ALA B 37 -1.72 -12.67 -15.02
N ILE B 38 -2.84 -11.99 -14.81
CA ILE B 38 -3.87 -11.93 -15.81
C ILE B 38 -4.72 -10.68 -15.59
N PRO B 39 -5.03 -9.96 -16.68
CA PRO B 39 -5.87 -8.79 -16.41
C PRO B 39 -7.33 -9.21 -16.32
N ILE B 40 -7.85 -9.25 -15.10
CA ILE B 40 -9.20 -9.68 -14.84
C ILE B 40 -10.23 -8.63 -15.28
N ASP B 41 -10.87 -8.87 -16.42
CA ASP B 41 -11.92 -8.00 -16.97
C ASP B 41 -13.26 -8.70 -16.96
N GLU B 42 -14.24 -8.09 -17.62
CA GLU B 42 -15.58 -8.65 -17.67
C GLU B 42 -15.50 -10.06 -18.23
N ASN B 43 -14.80 -10.20 -19.35
CA ASN B 43 -14.64 -11.49 -20.00
C ASN B 43 -14.05 -12.56 -19.07
N ILE B 44 -12.96 -12.23 -18.39
CA ILE B 44 -12.29 -13.17 -17.49
C ILE B 44 -13.10 -13.41 -16.21
N THR B 45 -13.69 -12.36 -15.67
CA THR B 45 -14.59 -12.53 -14.54
C THR B 45 -15.65 -13.60 -14.86
N ASN B 46 -16.20 -13.56 -16.06
CA ASN B 46 -17.26 -14.52 -16.43
C ASN B 46 -16.70 -15.93 -16.47
N THR B 47 -15.49 -16.07 -17.02
CA THR B 47 -14.84 -17.36 -17.09
C THR B 47 -14.57 -17.90 -15.69
N LEU B 48 -14.01 -17.06 -14.82
CA LEU B 48 -13.73 -17.46 -13.44
C LEU B 48 -14.95 -18.02 -12.70
N GLN B 49 -16.10 -17.35 -12.82
CA GLN B 49 -17.33 -17.78 -12.14
C GLN B 49 -17.97 -19.00 -12.79
N LYS B 50 -17.88 -19.07 -14.11
CA LYS B 50 -18.49 -20.15 -14.84
C LYS B 50 -17.74 -21.47 -14.55
N MET B 51 -16.43 -21.38 -14.27
CA MET B 51 -15.63 -22.58 -13.94
C MET B 51 -15.59 -22.87 -12.44
N ARG B 52 -16.08 -21.95 -11.62
CA ARG B 52 -16.01 -22.11 -10.17
C ARG B 52 -16.64 -23.44 -9.69
N PRO B 53 -17.82 -23.83 -10.22
CA PRO B 53 -18.33 -25.14 -9.81
C PRO B 53 -17.42 -26.29 -10.21
N VAL B 54 -16.90 -26.18 -11.42
CA VAL B 54 -16.04 -27.21 -11.98
C VAL B 54 -14.63 -27.17 -11.36
N CYS B 55 -14.04 -25.98 -11.29
CA CYS B 55 -12.60 -25.89 -10.98
C CYS B 55 -12.28 -25.25 -9.64
N GLY B 56 -13.29 -24.71 -8.98
CA GLY B 56 -13.08 -24.08 -7.69
C GLY B 56 -12.88 -22.59 -7.78
N ASN B 57 -12.80 -21.95 -6.61
CA ASN B 57 -12.54 -20.53 -6.56
C ASN B 57 -11.04 -20.25 -6.70
N TYR B 58 -10.69 -18.96 -6.77
CA TYR B 58 -9.28 -18.56 -6.84
C TYR B 58 -8.89 -17.66 -5.66
N LEU B 59 -7.59 -17.57 -5.39
CA LEU B 59 -7.07 -16.70 -4.34
C LEU B 59 -6.34 -15.54 -4.98
N ASN B 60 -6.70 -14.31 -4.64
CA ASN B 60 -5.94 -13.15 -5.11
C ASN B 60 -4.69 -12.96 -4.27
N ALA B 61 -3.53 -12.89 -4.91
CA ALA B 61 -2.29 -12.90 -4.18
C ALA B 61 -1.89 -11.52 -3.65
N GLU B 62 -2.52 -10.48 -4.18
CA GLU B 62 -2.09 -9.13 -3.86
C GLU B 62 -1.86 -8.84 -2.37
N PRO B 63 -2.77 -9.28 -1.49
CA PRO B 63 -2.48 -8.90 -0.10
C PRO B 63 -1.17 -9.51 0.44
N TYR B 64 -0.66 -10.57 -0.17
CA TYR B 64 0.58 -11.16 0.31
C TYR B 64 1.80 -10.48 -0.29
N ILE B 65 1.65 -9.90 -1.47
CA ILE B 65 2.80 -9.43 -2.21
C ILE B 65 2.66 -8.01 -2.75
N GLN B 66 1.47 -7.44 -2.58
CA GLN B 66 1.20 -6.09 -3.05
C GLN B 66 1.71 -5.86 -4.48
N GLN B 67 2.53 -4.85 -4.71
CA GLN B 67 3.01 -4.57 -6.07
C GLN B 67 4.46 -4.96 -6.26
N THR B 68 5.01 -5.67 -5.29
CA THR B 68 6.34 -6.21 -5.42
C THR B 68 6.52 -6.93 -6.76
N SER B 69 7.56 -6.52 -7.46
CA SER B 69 7.87 -7.05 -8.78
C SER B 69 8.11 -8.56 -8.71
N ASN B 70 7.70 -9.29 -9.75
CA ASN B 70 7.99 -10.72 -9.79
C ASN B 70 9.48 -11.00 -9.60
N ARG B 71 10.35 -10.09 -10.09
CA ARG B 71 11.82 -10.23 -9.96
C ARG B 71 12.22 -10.48 -8.51
N PHE B 72 11.50 -9.89 -7.57
CA PHE B 72 11.90 -9.98 -6.17
C PHE B 72 11.17 -11.01 -5.33
N LEU B 73 10.29 -11.77 -5.94
CA LEU B 73 9.49 -12.75 -5.20
C LEU B 73 10.06 -14.14 -5.33
N ASP B 74 10.05 -14.91 -4.24
CA ASP B 74 10.27 -16.34 -4.29
C ASP B 74 8.91 -17.00 -4.62
N SER B 75 8.56 -16.96 -5.90
CA SER B 75 7.27 -17.41 -6.40
C SER B 75 6.90 -18.85 -6.09
N LYS B 76 7.88 -19.74 -6.16
CA LYS B 76 7.56 -21.13 -5.92
C LYS B 76 7.25 -21.28 -4.45
N LYS B 77 7.95 -20.54 -3.58
CA LYS B 77 7.67 -20.68 -2.16
C LYS B 77 6.29 -20.11 -1.85
N LEU B 78 5.95 -19.01 -2.50
CA LEU B 78 4.65 -18.39 -2.33
C LEU B 78 3.55 -19.34 -2.79
N LEU B 79 3.68 -19.86 -3.99
CA LEU B 79 2.68 -20.72 -4.58
C LEU B 79 2.45 -21.91 -3.66
N ASP B 80 3.55 -22.47 -3.16
CA ASP B 80 3.49 -23.60 -2.24
C ASP B 80 2.77 -23.28 -0.94
N LYS B 81 3.08 -22.15 -0.32
CA LYS B 81 2.55 -21.92 1.02
C LYS B 81 1.11 -21.47 1.01
N LEU B 82 0.64 -20.93 -0.10
CA LEU B 82 -0.76 -20.54 -0.19
C LEU B 82 -1.65 -21.67 -0.76
N THR B 83 -1.06 -22.83 -1.00
CA THR B 83 -1.84 -23.96 -1.50
C THR B 83 -1.64 -25.22 -0.66
N SER B 84 -1.12 -25.08 0.56
CA SER B 84 -0.99 -26.21 1.47
C SER B 84 -1.33 -25.84 2.91
N TYR B 85 -1.67 -26.83 3.75
CA TYR B 85 -1.82 -26.53 5.18
C TYR B 85 -1.25 -27.66 6.06
N HIS B 86 -0.70 -27.25 7.21
CA HIS B 86 -0.13 -28.14 8.24
C HIS B 86 -0.98 -28.11 9.53
N SER B 87 -1.12 -29.28 10.15
CA SER B 87 -2.06 -29.55 11.25
C SER B 87 -2.05 -28.69 12.53
N ILE B 88 -1.07 -27.80 12.71
CA ILE B 88 -0.99 -26.95 13.91
C ILE B 88 -1.16 -27.76 15.19
N PRO B 93 -7.89 -30.37 23.89
CA PRO B 93 -9.17 -29.92 24.44
C PRO B 93 -9.26 -28.43 24.76
N TYR B 94 -10.31 -27.79 24.25
CA TYR B 94 -10.73 -26.45 24.69
C TYR B 94 -11.79 -26.65 25.76
N PRO B 95 -11.67 -25.91 26.87
CA PRO B 95 -12.61 -26.07 28.00
C PRO B 95 -14.03 -25.65 27.66
N ILE B 96 -14.99 -26.44 28.12
CA ILE B 96 -16.41 -26.13 28.02
C ILE B 96 -16.99 -26.04 29.43
N ASN B 97 -17.23 -24.82 29.91
CA ASN B 97 -17.35 -24.60 31.36
C ASN B 97 -18.47 -23.72 31.88
N HIS B 98 -19.08 -22.92 31.01
CA HIS B 98 -20.01 -21.89 31.46
C HIS B 98 -21.42 -22.04 30.91
N GLU B 99 -22.04 -23.18 31.16
CA GLU B 99 -23.36 -23.46 30.59
C GLU B 99 -24.42 -22.42 30.99
N ALA B 100 -24.37 -21.96 32.23
CA ALA B 100 -25.33 -20.96 32.70
C ALA B 100 -25.22 -19.64 31.93
N GLN B 101 -23.99 -19.16 31.75
CA GLN B 101 -23.72 -17.88 31.10
C GLN B 101 -24.22 -17.93 29.65
N VAL B 102 -23.98 -19.08 29.03
CA VAL B 102 -24.42 -19.35 27.67
C VAL B 102 -25.94 -19.23 27.56
N HIS B 103 -26.65 -19.84 28.50
CA HIS B 103 -28.11 -19.81 28.50
C HIS B 103 -28.67 -18.41 28.71
N SER B 104 -28.00 -17.61 29.55
CA SER B 104 -28.37 -16.22 29.77
C SER B 104 -28.42 -15.48 28.44
N LEU B 105 -27.37 -15.67 27.66
CA LEU B 105 -27.17 -14.97 26.39
C LEU B 105 -28.10 -15.42 25.28
N PHE B 106 -28.28 -16.75 25.16
CA PHE B 106 -29.23 -17.33 24.21
C PHE B 106 -30.61 -16.69 24.31
N GLU B 107 -31.12 -16.60 25.54
CA GLU B 107 -32.47 -16.07 25.79
C GLU B 107 -32.63 -14.61 25.38
N GLN B 108 -31.53 -13.93 25.09
CA GLN B 108 -31.60 -12.54 24.68
C GLN B 108 -31.53 -12.37 23.16
N ILE B 109 -31.43 -13.48 22.43
CA ILE B 109 -31.43 -13.43 20.97
C ILE B 109 -32.79 -12.96 20.45
N ASP B 110 -32.79 -11.89 19.65
CA ASP B 110 -33.99 -11.33 19.05
C ASP B 110 -34.09 -11.69 17.57
N PRO B 111 -34.77 -12.81 17.27
CA PRO B 111 -34.94 -13.31 15.90
C PRO B 111 -35.45 -12.23 14.94
N ALA B 112 -36.30 -11.33 15.42
CA ALA B 112 -36.79 -10.28 14.54
C ALA B 112 -35.68 -9.34 14.06
N LYS B 113 -34.72 -9.00 14.92
CA LYS B 113 -33.68 -8.07 14.50
C LYS B 113 -32.70 -8.71 13.49
N ILE B 114 -32.41 -9.99 13.67
CA ILE B 114 -31.75 -10.75 12.62
C ILE B 114 -32.44 -10.55 11.28
N TRP B 115 -33.76 -10.80 11.22
CA TRP B 115 -34.47 -10.68 9.95
C TRP B 115 -34.37 -9.28 9.36
N GLN B 116 -34.47 -8.29 10.24
CA GLN B 116 -34.37 -6.91 9.84
C GLN B 116 -33.05 -6.63 9.12
N THR B 117 -31.96 -7.19 9.64
CA THR B 117 -30.63 -6.99 9.04
C THR B 117 -30.61 -7.55 7.63
N ASN B 118 -31.06 -8.79 7.49
CA ASN B 118 -31.17 -9.40 6.18
C ASN B 118 -32.04 -8.59 5.22
N GLN B 119 -33.15 -8.06 5.73
CA GLN B 119 -34.09 -7.30 4.92
C GLN B 119 -33.44 -6.04 4.36
N HIS B 120 -32.59 -5.40 5.15
CA HIS B 120 -31.91 -4.21 4.65
C HIS B 120 -30.88 -4.57 3.60
N LEU B 121 -30.04 -5.56 3.88
CA LEU B 121 -28.91 -5.84 2.99
C LEU B 121 -29.39 -6.31 1.63
N THR B 122 -30.43 -7.14 1.63
CA THR B 122 -30.93 -7.71 0.39
C THR B 122 -31.75 -6.67 -0.38
N SER B 123 -31.98 -5.53 0.24
CA SER B 123 -32.74 -4.48 -0.41
C SER B 123 -31.84 -3.75 -1.39
N TYR B 124 -30.54 -3.79 -1.15
CA TYR B 124 -29.60 -3.25 -2.13
C TYR B 124 -29.73 -4.04 -3.44
N ILE B 125 -29.61 -3.34 -4.57
CA ILE B 125 -29.62 -4.02 -5.86
C ILE B 125 -28.46 -5.04 -5.90
N ASN B 126 -27.30 -4.61 -5.45
CA ASN B 126 -26.23 -5.53 -5.14
C ASN B 126 -25.35 -4.93 -4.07
N ARG B 127 -24.40 -5.72 -3.59
CA ARG B 127 -23.37 -5.25 -2.67
C ARG B 127 -21.99 -5.51 -3.30
N SER B 128 -21.84 -5.18 -4.58
CA SER B 128 -20.59 -5.46 -5.29
C SER B 128 -19.44 -4.60 -4.81
N ALA B 129 -18.24 -5.17 -4.82
CA ALA B 129 -17.05 -4.45 -4.40
C ALA B 129 -16.72 -3.29 -5.36
N LYS B 130 -17.31 -3.33 -6.55
CA LYS B 130 -17.11 -2.27 -7.55
C LYS B 130 -18.19 -1.20 -7.51
N SER B 131 -19.32 -1.50 -6.88
CA SER B 131 -20.51 -0.66 -7.01
C SER B 131 -20.72 0.32 -5.85
N ARG B 132 -21.59 1.30 -6.10
CA ARG B 132 -21.99 2.28 -5.10
C ARG B 132 -22.68 1.62 -3.90
N THR B 133 -23.70 0.80 -4.19
CA THR B 133 -24.47 0.10 -3.17
C THR B 133 -23.57 -0.82 -2.34
N GLY B 134 -22.62 -1.46 -3.01
CA GLY B 134 -21.60 -2.25 -2.36
C GLY B 134 -20.82 -1.49 -1.31
N VAL B 135 -20.56 -0.21 -1.57
CA VAL B 135 -19.90 0.66 -0.59
C VAL B 135 -20.82 1.01 0.59
N GLU B 136 -22.06 1.34 0.27
CA GLU B 136 -23.06 1.70 1.26
C GLU B 136 -23.28 0.59 2.28
N ALA B 137 -23.29 -0.64 1.80
CA ALA B 137 -23.45 -1.80 2.67
C ALA B 137 -22.32 -1.81 3.69
N ALA B 138 -21.11 -1.49 3.25
CA ALA B 138 -19.98 -1.47 4.15
C ALA B 138 -20.17 -0.38 5.19
N GLN B 139 -20.53 0.82 4.73
CA GLN B 139 -20.73 1.95 5.63
C GLN B 139 -21.87 1.68 6.61
N TRP B 140 -22.96 1.18 6.06
CA TRP B 140 -24.12 0.76 6.85
C TRP B 140 -23.68 -0.13 8.00
N PHE B 141 -22.95 -1.19 7.68
CA PHE B 141 -22.50 -2.12 8.69
C PHE B 141 -21.70 -1.42 9.79
N LYS B 142 -20.77 -0.54 9.40
CA LYS B 142 -19.96 0.16 10.38
C LYS B 142 -20.83 1.02 11.30
N GLN B 143 -21.74 1.76 10.69
CA GLN B 143 -22.57 2.66 11.46
C GLN B 143 -23.49 1.85 12.39
N GLN B 144 -23.94 0.67 11.95
CA GLN B 144 -24.74 -0.23 12.80
C GLN B 144 -24.02 -0.63 14.07
N PHE B 145 -22.69 -0.80 13.97
CA PHE B 145 -21.89 -1.16 15.14
C PHE B 145 -21.70 0.04 16.07
N ASP B 146 -21.32 1.17 15.49
CA ASP B 146 -21.11 2.40 16.23
C ASP B 146 -22.36 2.72 17.06
N THR B 147 -23.51 2.64 16.40
CA THR B 147 -24.80 2.85 17.01
C THR B 147 -25.11 1.89 18.16
N LEU B 148 -25.07 0.59 17.90
CA LEU B 148 -25.33 -0.41 18.94
C LEU B 148 -24.41 -0.27 20.15
N ALA B 149 -23.14 0.04 19.92
CA ALA B 149 -22.22 0.23 21.02
C ALA B 149 -22.59 1.48 21.82
N GLN B 150 -23.12 2.48 21.12
CA GLN B 150 -23.55 3.72 21.74
C GLN B 150 -24.91 3.65 22.43
N ASP B 151 -25.87 2.96 21.81
CA ASP B 151 -27.18 2.77 22.42
C ASP B 151 -27.13 1.98 23.72
N TYR B 152 -26.16 1.08 23.87
CA TYR B 152 -26.02 0.37 25.13
C TYR B 152 -24.86 0.92 25.95
N GLY B 153 -24.41 2.11 25.56
CA GLY B 153 -23.35 2.80 26.25
C GLY B 153 -22.09 2.00 26.54
N ARG B 154 -21.52 1.37 25.52
CA ARG B 154 -20.23 0.70 25.74
C ARG B 154 -19.09 1.49 25.13
N LYS B 155 -18.17 1.91 26.00
CA LYS B 155 -17.02 2.74 25.63
C LYS B 155 -15.85 1.87 25.23
N ASP B 156 -16.07 0.57 25.32
CA ASP B 156 -15.02 -0.43 25.26
C ASP B 156 -14.65 -0.82 23.80
N VAL B 157 -15.03 0.03 22.83
CA VAL B 157 -15.08 -0.39 21.43
C VAL B 157 -14.44 0.54 20.40
N GLU B 158 -14.22 -0.01 19.20
CA GLU B 158 -13.74 0.72 18.02
C GLU B 158 -14.09 0.07 16.68
N SER B 159 -14.28 0.90 15.65
CA SER B 159 -14.51 0.41 14.31
C SER B 159 -13.76 1.25 13.26
N TYR B 160 -13.12 0.59 12.31
CA TYR B 160 -12.42 1.27 11.24
C TYR B 160 -12.54 0.52 9.90
N PHE B 161 -12.42 1.28 8.82
CA PHE B 161 -12.28 0.73 7.49
C PHE B 161 -10.89 0.13 7.22
N VAL B 162 -10.86 -0.96 6.47
CA VAL B 162 -9.60 -1.43 5.90
C VAL B 162 -9.78 -1.41 4.39
N LYS B 163 -9.17 -0.43 3.74
CA LYS B 163 -9.31 -0.24 2.30
C LYS B 163 -8.88 -1.51 1.55
N THR B 164 -9.57 -1.80 0.46
CA THR B 164 -9.29 -3.01 -0.29
C THR B 164 -8.27 -2.71 -1.38
N GLY B 165 -7.05 -2.36 -0.94
CA GLY B 165 -5.98 -1.94 -1.84
C GLY B 165 -6.50 -0.81 -2.71
N ASN B 166 -6.12 -0.79 -3.99
CA ASN B 166 -6.60 0.24 -4.89
C ASN B 166 -7.60 -0.27 -5.93
N LYS B 167 -7.99 -1.56 -5.89
CA LYS B 167 -8.87 -2.06 -6.95
C LYS B 167 -10.37 -1.95 -6.67
N PHE B 168 -10.77 -1.90 -5.40
CA PHE B 168 -12.19 -1.89 -5.14
C PHE B 168 -12.53 -0.82 -4.15
N ILE B 169 -13.50 -0.01 -4.55
CA ILE B 169 -13.97 1.10 -3.75
C ILE B 169 -14.62 0.62 -2.45
N GLN B 170 -15.09 -0.64 -2.42
CA GLN B 170 -15.66 -1.20 -1.20
C GLN B 170 -14.58 -1.62 -0.22
N PRO B 171 -14.60 -1.04 0.99
CA PRO B 171 -13.62 -1.41 2.01
C PRO B 171 -14.12 -2.54 2.88
N SER B 172 -13.24 -3.17 3.64
CA SER B 172 -13.68 -4.02 4.73
C SER B 172 -14.02 -3.16 5.93
N VAL B 173 -14.72 -3.74 6.90
CA VAL B 173 -14.96 -3.08 8.17
C VAL B 173 -14.60 -4.01 9.32
N VAL B 174 -13.74 -3.51 10.20
CA VAL B 174 -13.28 -4.20 11.39
C VAL B 174 -13.88 -3.53 12.61
N THR B 175 -14.53 -4.31 13.49
CA THR B 175 -15.04 -3.77 14.73
C THR B 175 -14.50 -4.63 15.86
N VAL B 176 -14.35 -4.03 17.03
CA VAL B 176 -13.73 -4.70 18.15
C VAL B 176 -14.32 -4.26 19.49
N ILE B 177 -14.60 -5.23 20.35
CA ILE B 177 -14.97 -4.93 21.72
C ILE B 177 -13.86 -5.39 22.67
N GLY B 178 -13.36 -4.48 23.49
CA GLY B 178 -12.31 -4.82 24.43
C GLY B 178 -10.94 -4.83 23.77
N LYS B 179 -10.64 -3.76 23.06
CA LYS B 179 -9.39 -3.62 22.29
C LYS B 179 -8.08 -3.71 23.09
N ASP B 180 -8.02 -3.08 24.26
CA ASP B 180 -6.76 -2.93 24.98
C ASP B 180 -6.56 -4.01 26.00
N LYS B 181 -7.55 -4.86 26.11
CA LYS B 181 -7.54 -5.88 27.12
C LYS B 181 -6.64 -7.07 26.73
N PRO B 182 -6.03 -7.72 27.74
CA PRO B 182 -5.01 -8.75 27.55
C PRO B 182 -5.47 -10.14 27.10
N GLY B 183 -4.53 -10.83 26.46
CA GLY B 183 -4.66 -12.19 25.98
C GLY B 183 -4.83 -12.07 24.50
N GLU B 184 -4.80 -13.17 23.76
CA GLU B 184 -4.97 -13.09 22.30
C GLU B 184 -6.45 -13.14 21.96
N ALA B 185 -6.82 -12.39 20.91
CA ALA B 185 -8.21 -12.13 20.57
C ALA B 185 -8.98 -13.25 19.84
N ILE B 186 -10.30 -13.06 19.80
CA ILE B 186 -11.18 -13.89 19.01
C ILE B 186 -11.77 -13.11 17.83
N VAL B 187 -11.81 -13.73 16.65
CA VAL B 187 -12.33 -13.09 15.47
C VAL B 187 -13.59 -13.78 14.93
N ILE B 188 -14.63 -12.98 14.73
CA ILE B 188 -15.82 -13.44 14.01
C ILE B 188 -15.91 -12.67 12.70
N GLY B 189 -16.15 -13.38 11.61
CA GLY B 189 -16.25 -12.72 10.33
C GLY B 189 -17.28 -13.25 9.36
N ALA B 190 -17.70 -12.35 8.45
CA ALA B 190 -18.57 -12.68 7.33
C ALA B 190 -18.28 -11.68 6.21
N HIS B 191 -18.61 -12.02 4.98
CA HIS B 191 -18.41 -11.07 3.89
C HIS B 191 -19.67 -10.31 3.47
N ILE B 192 -19.47 -9.02 3.23
CA ILE B 192 -20.55 -8.07 2.97
C ILE B 192 -20.91 -8.01 1.49
N ASP B 193 -20.03 -8.51 0.64
CA ASP B 193 -20.17 -8.22 -0.79
C ASP B 193 -20.97 -9.26 -1.53
N THR B 194 -21.29 -8.93 -2.76
CA THR B 194 -21.92 -9.85 -3.68
C THR B 194 -21.34 -9.62 -5.08
N LEU B 195 -21.83 -10.36 -6.07
CA LEU B 195 -21.53 -10.09 -7.49
C LEU B 195 -22.19 -8.82 -8.02
N ASP B 196 -21.88 -8.49 -9.27
CA ASP B 196 -22.49 -7.36 -9.96
C ASP B 196 -23.84 -7.76 -10.52
N GLY B 197 -24.64 -6.76 -10.89
CA GLY B 197 -25.93 -7.01 -11.48
C GLY B 197 -27.03 -7.07 -10.44
N ASN B 198 -27.95 -7.99 -10.60
CA ASN B 198 -29.04 -8.10 -9.62
C ASN B 198 -28.80 -9.26 -8.65
N MET B 199 -28.24 -8.92 -7.50
CA MET B 199 -27.77 -9.89 -6.52
C MET B 199 -28.11 -9.47 -5.11
N PRO B 200 -29.24 -9.94 -4.59
CA PRO B 200 -29.65 -9.70 -3.20
C PRO B 200 -28.73 -10.39 -2.21
N GLY B 201 -28.18 -11.54 -2.57
CA GLY B 201 -27.21 -12.24 -1.75
C GLY B 201 -27.66 -12.49 -0.34
N ALA B 202 -28.90 -12.94 -0.21
CA ALA B 202 -29.51 -13.18 1.09
C ALA B 202 -28.74 -14.25 1.85
N ASP B 203 -28.70 -15.45 1.29
CA ASP B 203 -27.92 -16.48 1.94
C ASP B 203 -26.45 -16.22 1.80
N ASP B 204 -26.00 -15.77 0.62
CA ASP B 204 -24.57 -15.51 0.41
C ASP B 204 -24.16 -14.29 1.16
N ASP B 205 -24.23 -14.51 2.47
CA ASP B 205 -23.71 -13.72 3.55
C ASP B 205 -24.37 -12.41 3.89
N SER B 206 -25.54 -12.14 3.35
CA SER B 206 -26.40 -11.26 4.13
C SER B 206 -26.64 -12.01 5.43
N SER B 207 -26.92 -13.30 5.30
CA SER B 207 -27.14 -14.18 6.45
C SER B 207 -26.03 -14.10 7.50
N GLY B 208 -24.82 -14.51 7.08
CA GLY B 208 -23.64 -14.50 7.93
C GLY B 208 -23.43 -13.16 8.60
N ILE B 209 -23.57 -12.07 7.85
CA ILE B 209 -23.47 -10.74 8.40
C ILE B 209 -24.51 -10.53 9.50
N SER B 210 -25.78 -10.88 9.22
CA SER B 210 -26.85 -10.65 10.19
C SER B 210 -26.55 -11.43 11.46
N VAL B 211 -26.15 -12.69 11.31
CA VAL B 211 -25.84 -13.52 12.48
C VAL B 211 -24.78 -12.90 13.39
N GLU B 212 -23.71 -12.35 12.81
CA GLU B 212 -22.64 -11.79 13.66
C GLU B 212 -23.07 -10.45 14.26
N LEU B 213 -23.90 -9.70 13.54
CA LEU B 213 -24.43 -8.44 14.05
C LEU B 213 -25.32 -8.67 15.27
N GLU B 214 -26.12 -9.72 15.20
CA GLU B 214 -26.91 -10.15 16.35
C GLU B 214 -26.05 -10.57 17.52
N MET B 215 -25.01 -11.34 17.21
CA MET B 215 -24.05 -11.75 18.23
C MET B 215 -23.51 -10.55 18.93
N ALA B 216 -23.13 -9.54 18.13
CA ALA B 216 -22.59 -8.31 18.67
C ALA B 216 -23.57 -7.62 19.60
N ARG B 217 -24.82 -7.50 19.18
CA ARG B 217 -25.75 -6.72 19.98
C ARG B 217 -26.26 -7.49 21.22
N VAL B 218 -26.43 -8.81 21.11
CA VAL B 218 -26.61 -9.63 22.30
C VAL B 218 -25.54 -9.31 23.34
N VAL B 219 -24.28 -9.28 22.93
CA VAL B 219 -23.18 -8.90 23.83
C VAL B 219 -23.42 -7.49 24.41
N PHE B 220 -23.92 -6.58 23.60
CA PHE B 220 -24.22 -5.21 24.04
C PHE B 220 -25.40 -5.09 25.05
N SER B 221 -26.48 -5.84 24.85
CA SER B 221 -27.63 -5.73 25.77
C SER B 221 -27.49 -6.65 26.98
N SER B 222 -26.75 -7.74 26.80
CA SER B 222 -26.39 -8.59 27.92
C SER B 222 -25.52 -7.80 28.88
N ASN B 223 -24.84 -6.81 28.31
CA ASN B 223 -23.81 -6.05 29.00
C ASN B 223 -22.92 -7.09 29.67
N PHE B 224 -22.39 -7.97 28.82
CA PHE B 224 -21.58 -9.10 29.20
C PHE B 224 -20.17 -8.82 28.69
N GLU B 225 -19.23 -8.58 29.60
CA GLU B 225 -17.86 -8.26 29.21
C GLU B 225 -16.97 -9.51 29.23
N LEU B 226 -15.95 -9.48 28.38
CA LEU B 226 -14.93 -10.51 28.35
C LEU B 226 -13.60 -10.06 28.86
N ASN B 227 -12.72 -11.04 29.05
CA ASN B 227 -11.32 -10.77 29.37
C ASN B 227 -10.46 -10.79 28.08
N ARG B 228 -11.12 -10.87 26.93
CA ARG B 228 -10.41 -10.81 25.65
C ARG B 228 -11.01 -9.82 24.69
N PRO B 229 -10.17 -9.30 23.78
CA PRO B 229 -10.76 -8.62 22.62
C PRO B 229 -11.58 -9.61 21.77
N ILE B 230 -12.72 -9.14 21.29
CA ILE B 230 -13.51 -9.87 20.29
C ILE B 230 -13.63 -8.95 19.09
N TYR B 231 -13.25 -9.46 17.92
CA TYR B 231 -13.42 -8.69 16.70
C TYR B 231 -14.62 -9.19 15.89
N PHE B 232 -15.40 -8.26 15.34
CA PHE B 232 -16.44 -8.63 14.38
C PHE B 232 -16.11 -7.94 13.08
N ILE B 233 -15.98 -8.71 12.00
CA ILE B 233 -15.49 -8.17 10.77
C ILE B 233 -16.43 -8.41 9.60
N ALA B 234 -16.66 -7.35 8.82
CA ALA B 234 -17.35 -7.46 7.53
C ALA B 234 -16.35 -7.31 6.37
N TYR B 235 -15.93 -8.44 5.79
CA TYR B 235 -14.94 -8.46 4.72
C TYR B 235 -15.49 -7.94 3.41
N ALA B 236 -14.73 -7.08 2.75
CA ALA B 236 -15.07 -6.69 1.39
C ALA B 236 -14.70 -7.77 0.38
N ALA B 237 -15.31 -7.69 -0.79
CA ALA B 237 -14.80 -8.33 -2.00
C ALA B 237 -14.44 -9.82 -1.86
N GLU B 238 -15.15 -10.58 -1.04
CA GLU B 238 -14.88 -12.01 -0.92
C GLU B 238 -15.10 -12.68 -2.25
N GLU B 239 -16.00 -12.10 -3.04
CA GLU B 239 -16.36 -12.68 -4.31
C GLU B 239 -15.29 -12.37 -5.35
N ARG B 240 -14.20 -11.72 -4.92
CA ARG B 240 -13.06 -11.42 -5.81
C ARG B 240 -11.78 -12.09 -5.32
N GLY B 241 -11.76 -13.40 -5.28
CA GLY B 241 -10.60 -14.14 -4.80
C GLY B 241 -10.20 -13.89 -3.36
N LEU B 242 -11.17 -13.60 -2.49
CA LEU B 242 -10.92 -13.44 -1.06
C LEU B 242 -10.01 -12.27 -0.70
N ILE B 243 -9.99 -11.24 -1.54
CA ILE B 243 -9.00 -10.18 -1.40
C ILE B 243 -9.30 -9.29 -0.19
N GLY B 244 -10.58 -9.12 0.13
CA GLY B 244 -11.01 -8.34 1.27
C GLY B 244 -10.44 -8.87 2.57
N SER B 245 -10.65 -10.15 2.85
CA SER B 245 -10.07 -10.75 4.05
C SER B 245 -8.55 -10.82 3.95
N GLY B 246 -8.02 -10.94 2.73
CA GLY B 246 -6.60 -10.83 2.49
C GLY B 246 -6.00 -9.61 3.19
N TYR B 247 -6.47 -8.43 2.83
CA TYR B 247 -6.02 -7.23 3.49
C TYR B 247 -6.25 -7.22 5.02
N VAL B 248 -7.44 -7.63 5.46
CA VAL B 248 -7.72 -7.67 6.89
C VAL B 248 -6.73 -8.57 7.64
N VAL B 249 -6.48 -9.78 7.15
CA VAL B 249 -5.55 -10.65 7.86
C VAL B 249 -4.15 -9.98 7.91
N GLN B 250 -3.75 -9.35 6.79
CA GLN B 250 -2.50 -8.58 6.75
C GLN B 250 -2.49 -7.40 7.73
N ASP B 251 -3.62 -6.69 7.85
CA ASP B 251 -3.69 -5.53 8.74
C ASP B 251 -3.51 -5.97 10.20
N PHE B 252 -3.99 -7.16 10.52
CA PHE B 252 -3.77 -7.75 11.84
C PHE B 252 -2.29 -8.05 12.08
N LEU B 253 -1.59 -8.43 11.02
CA LEU B 253 -0.18 -8.76 11.11
C LEU B 253 0.67 -7.49 11.29
N GLN B 254 0.38 -6.49 10.46
CA GLN B 254 1.02 -5.17 10.55
C GLN B 254 0.76 -4.46 11.89
N LYS B 255 -0.45 -4.57 12.41
CA LYS B 255 -0.78 -3.94 13.69
C LYS B 255 -0.37 -4.88 14.85
N LYS B 256 0.20 -6.02 14.49
CA LYS B 256 0.70 -7.03 15.44
C LYS B 256 -0.30 -7.57 16.47
N ILE B 257 -1.60 -7.49 16.17
CA ILE B 257 -2.68 -8.06 17.00
C ILE B 257 -2.71 -9.60 17.02
N PRO B 258 -2.58 -10.20 18.21
CA PRO B 258 -2.64 -11.66 18.37
C PRO B 258 -4.07 -12.19 18.34
N VAL B 259 -4.24 -13.39 17.77
CA VAL B 259 -5.56 -14.00 17.60
C VAL B 259 -5.52 -15.52 17.91
N LYS B 260 -6.30 -15.95 18.92
CA LYS B 260 -6.33 -17.37 19.35
C LYS B 260 -7.29 -18.21 18.54
N ALA B 261 -8.30 -17.58 17.92
CA ALA B 261 -9.38 -18.33 17.26
C ALA B 261 -10.18 -17.48 16.30
N VAL B 262 -10.54 -18.10 15.19
CA VAL B 262 -11.28 -17.41 14.16
C VAL B 262 -12.46 -18.24 13.72
N MET B 263 -13.64 -17.61 13.70
CA MET B 263 -14.83 -18.23 13.12
C MET B 263 -15.27 -17.51 11.87
N GLN B 264 -15.52 -18.28 10.82
CA GLN B 264 -16.03 -17.71 9.57
C GLN B 264 -17.50 -18.06 9.36
N LEU B 265 -18.29 -17.01 9.14
CA LEU B 265 -19.72 -17.17 8.89
C LEU B 265 -20.04 -16.89 7.44
N ASP B 266 -20.16 -17.96 6.65
CA ASP B 266 -20.53 -17.80 5.27
C ASP B 266 -21.71 -18.73 4.96
N GLN B 267 -22.85 -18.16 4.59
CA GLN B 267 -24.11 -18.88 4.37
C GLN B 267 -24.60 -19.58 5.63
N ALA B 268 -25.26 -18.81 6.49
CA ALA B 268 -25.79 -19.33 7.73
C ALA B 268 -27.32 -19.41 7.74
N GLY B 269 -27.95 -19.29 6.58
CA GLY B 269 -29.38 -19.07 6.57
C GLY B 269 -30.23 -19.93 5.67
N TYR B 270 -29.62 -20.86 4.97
CA TYR B 270 -30.38 -21.61 4.01
C TYR B 270 -30.48 -23.04 4.42
N ARG B 271 -31.71 -23.52 4.53
CA ARG B 271 -31.86 -24.94 4.72
C ARG B 271 -32.29 -25.51 3.40
N ALA B 272 -31.49 -26.44 2.90
CA ALA B 272 -31.72 -27.07 1.61
C ALA B 272 -33.01 -27.82 1.74
N ASN B 273 -33.05 -28.59 2.81
CA ASN B 273 -34.23 -29.24 3.31
C ASN B 273 -34.74 -28.53 4.57
N ALA B 274 -35.92 -27.91 4.49
CA ALA B 274 -36.48 -27.11 5.60
C ALA B 274 -36.63 -27.93 6.88
N LYS B 275 -36.39 -29.24 6.76
CA LYS B 275 -36.39 -30.17 7.87
C LYS B 275 -35.00 -30.44 8.42
N ASP B 276 -33.96 -30.05 7.70
CA ASP B 276 -32.63 -30.58 8.06
C ASP B 276 -32.07 -30.05 9.40
N GLN B 277 -31.88 -28.74 9.49
CA GLN B 277 -31.34 -28.07 10.70
C GLN B 277 -29.94 -28.59 11.13
N THR B 278 -29.37 -29.53 10.38
CA THR B 278 -27.98 -29.96 10.56
C THR B 278 -27.08 -28.81 10.18
N ILE B 279 -26.05 -28.58 11.00
CA ILE B 279 -25.03 -27.61 10.67
C ILE B 279 -23.72 -28.32 10.32
N TRP B 280 -23.06 -27.85 9.27
CA TRP B 280 -21.84 -28.51 8.78
C TRP B 280 -20.54 -27.78 9.10
N LEU B 281 -19.57 -28.58 9.55
CA LEU B 281 -18.22 -28.13 9.77
C LEU B 281 -17.30 -28.61 8.66
N LEU B 282 -16.28 -27.80 8.37
CA LEU B 282 -15.31 -28.08 7.32
C LEU B 282 -14.07 -28.77 7.86
N LYS B 283 -13.47 -29.65 7.06
CA LYS B 283 -12.29 -30.38 7.50
C LYS B 283 -11.01 -29.82 6.82
N ASP B 284 -11.16 -28.88 5.89
CA ASP B 284 -9.99 -28.27 5.25
C ASP B 284 -9.65 -26.90 5.77
N TYR B 285 -8.37 -26.54 5.72
CA TYR B 285 -7.95 -25.16 5.86
C TYR B 285 -8.50 -24.55 7.14
N VAL B 286 -8.72 -25.42 8.12
CA VAL B 286 -9.26 -25.04 9.42
C VAL B 286 -8.43 -25.72 10.50
N ASP B 287 -8.45 -25.18 11.71
CA ASP B 287 -7.79 -25.83 12.83
C ASP B 287 -8.71 -26.91 13.37
N LYS B 288 -8.27 -28.17 13.39
CA LYS B 288 -9.14 -29.25 13.87
C LYS B 288 -9.36 -29.12 15.38
N GLY B 289 -8.40 -28.51 16.06
CA GLY B 289 -8.58 -28.20 17.47
C GLY B 289 -9.79 -27.31 17.70
N LEU B 290 -9.83 -26.16 17.03
CA LEU B 290 -10.97 -25.25 17.09
C LEU B 290 -12.27 -25.87 16.55
N THR B 291 -12.15 -26.71 15.53
CA THR B 291 -13.31 -27.40 14.92
C THR B 291 -13.89 -28.48 15.84
N GLU B 292 -13.02 -29.18 16.54
CA GLU B 292 -13.45 -30.17 17.52
C GLU B 292 -14.19 -29.44 18.63
N PHE B 293 -13.66 -28.28 19.01
CA PHE B 293 -14.30 -27.40 19.96
C PHE B 293 -15.67 -26.95 19.49
N THR B 294 -15.70 -26.44 18.26
CA THR B 294 -16.94 -26.02 17.62
C THR B 294 -17.95 -27.17 17.53
N ALA B 295 -17.45 -28.36 17.23
CA ALA B 295 -18.31 -29.55 17.10
C ALA B 295 -19.25 -29.82 18.27
N GLU B 296 -18.74 -29.90 19.50
CA GLU B 296 -19.63 -30.18 20.63
C GLU B 296 -20.33 -28.96 21.19
N LEU B 297 -19.89 -27.74 20.85
CA LEU B 297 -20.67 -26.56 21.19
C LEU B 297 -22.01 -26.68 20.52
N LEU B 298 -21.98 -27.17 19.29
CA LEU B 298 -23.21 -27.47 18.58
C LEU B 298 -23.94 -28.57 19.34
N THR B 299 -23.19 -29.60 19.73
CA THR B 299 -23.74 -30.75 20.46
C THR B 299 -24.22 -30.32 21.87
N ARG B 300 -23.39 -29.59 22.61
CA ARG B 300 -23.78 -29.17 23.95
C ARG B 300 -24.85 -28.07 24.03
N TYR B 301 -24.84 -27.08 23.14
CA TYR B 301 -25.73 -25.94 23.31
C TYR B 301 -26.84 -25.78 22.26
N VAL B 302 -26.49 -25.89 20.99
CA VAL B 302 -27.49 -25.70 19.95
C VAL B 302 -28.26 -27.01 19.75
N LYS B 303 -27.65 -28.11 20.18
CA LYS B 303 -28.16 -29.46 19.94
C LYS B 303 -28.76 -29.66 18.58
N THR B 304 -27.92 -29.48 17.55
CA THR B 304 -28.31 -29.75 16.19
C THR B 304 -27.37 -30.82 15.70
N PRO B 305 -27.84 -31.69 14.80
CA PRO B 305 -26.93 -32.71 14.27
C PRO B 305 -25.74 -32.05 13.59
N VAL B 306 -24.55 -32.58 13.88
CA VAL B 306 -23.33 -32.02 13.34
C VAL B 306 -22.77 -32.91 12.24
N GLY B 307 -22.82 -32.40 11.02
CA GLY B 307 -22.20 -33.06 9.89
C GLY B 307 -20.84 -32.47 9.59
N TYR B 308 -20.16 -33.09 8.64
CA TYR B 308 -18.89 -32.62 8.18
C TYR B 308 -18.92 -32.55 6.67
N THR B 309 -18.23 -31.55 6.12
CA THR B 309 -18.15 -31.39 4.68
C THR B 309 -16.76 -30.89 4.32
N LYS B 310 -16.41 -31.03 3.05
CA LYS B 310 -15.10 -30.63 2.58
C LYS B 310 -15.34 -29.54 1.51
N CYS B 311 -14.38 -28.65 1.33
CA CYS B 311 -14.52 -27.51 0.43
C CYS B 311 -13.42 -27.44 -0.63
N GLY B 312 -13.71 -26.71 -1.70
CA GLY B 312 -12.72 -26.41 -2.72
C GLY B 312 -11.59 -25.53 -2.23
N TYR B 313 -10.64 -25.26 -3.13
CA TYR B 313 -9.55 -24.33 -2.86
C TYR B 313 -10.12 -22.94 -2.64
N ALA B 314 -9.53 -22.18 -1.72
CA ALA B 314 -9.90 -20.79 -1.52
C ALA B 314 -11.43 -20.65 -1.34
N CYS B 315 -11.95 -21.52 -0.48
CA CYS B 315 -13.39 -21.68 -0.22
C CYS B 315 -14.10 -20.40 0.24
N SER B 316 -13.51 -19.73 1.21
CA SER B 316 -14.06 -18.54 1.82
C SER B 316 -12.98 -17.83 2.62
N ASP B 317 -13.33 -16.75 3.30
CA ASP B 317 -12.35 -15.88 3.92
C ASP B 317 -11.47 -16.55 4.97
N HIS B 318 -11.99 -17.60 5.61
CA HIS B 318 -11.19 -18.34 6.59
C HIS B 318 -9.79 -18.76 6.07
N VAL B 319 -9.70 -19.04 4.77
CA VAL B 319 -8.44 -19.46 4.14
C VAL B 319 -7.27 -18.49 4.39
N ASN B 320 -7.50 -17.19 4.27
CA ASN B 320 -6.47 -16.21 4.55
C ASN B 320 -5.95 -16.23 6.00
N TRP B 321 -6.82 -16.46 6.97
CA TRP B 321 -6.36 -16.61 8.35
C TRP B 321 -5.49 -17.83 8.45
N THR B 322 -6.00 -18.96 7.94
CA THR B 322 -5.25 -20.21 8.01
C THR B 322 -3.90 -20.11 7.31
N ASN B 323 -3.88 -19.43 6.17
CA ASN B 323 -2.66 -19.20 5.44
C ASN B 323 -1.62 -18.38 6.21
N GLU B 324 -2.07 -17.62 7.21
CA GLU B 324 -1.14 -16.82 8.01
C GLU B 324 -0.97 -17.34 9.45
N GLY B 325 -1.28 -18.62 9.67
CA GLY B 325 -1.03 -19.27 10.94
C GLY B 325 -2.02 -19.12 12.08
N PHE B 326 -3.20 -18.56 11.80
CA PHE B 326 -4.25 -18.44 12.81
C PHE B 326 -5.17 -19.65 12.81
N LYS B 327 -5.62 -20.05 13.98
CA LYS B 327 -6.52 -21.20 14.11
C LYS B 327 -7.94 -20.82 13.65
N THR B 328 -8.59 -21.71 12.90
CA THR B 328 -9.75 -21.34 12.10
C THR B 328 -10.87 -22.36 12.14
N THR B 329 -12.13 -21.90 12.25
CA THR B 329 -13.28 -22.80 12.11
C THR B 329 -14.41 -22.22 11.24
N TYR B 330 -15.12 -23.10 10.53
CA TYR B 330 -16.11 -22.66 9.56
C TYR B 330 -17.38 -23.50 9.57
N PRO B 331 -18.36 -23.08 10.38
CA PRO B 331 -19.68 -23.71 10.38
C PRO B 331 -20.53 -23.22 9.20
N SER B 332 -21.17 -24.14 8.49
CA SER B 332 -22.01 -23.74 7.36
C SER B 332 -23.39 -24.39 7.33
N ALA B 333 -24.35 -23.63 6.80
CA ALA B 333 -25.72 -24.10 6.60
C ALA B 333 -25.81 -25.28 5.64
N THR B 334 -24.90 -25.34 4.67
CA THR B 334 -25.01 -26.36 3.62
C THR B 334 -23.70 -27.08 3.38
N THR B 335 -23.80 -28.30 2.86
CA THR B 335 -22.65 -29.02 2.36
C THR B 335 -22.27 -28.55 0.97
N LEU B 336 -21.09 -28.96 0.53
CA LEU B 336 -20.68 -28.75 -0.84
C LEU B 336 -21.50 -29.68 -1.74
N ASP B 337 -22.17 -30.65 -1.12
CA ASP B 337 -22.96 -31.62 -1.89
C ASP B 337 -24.41 -31.21 -2.02
N ASP B 338 -25.00 -30.81 -0.91
CA ASP B 338 -26.31 -30.18 -0.89
C ASP B 338 -26.16 -28.69 -0.66
N ASP B 339 -25.99 -27.99 -1.76
CA ASP B 339 -25.66 -26.58 -1.70
C ASP B 339 -26.96 -25.81 -1.86
N ASN B 340 -26.89 -24.48 -1.69
CA ASN B 340 -27.92 -23.53 -2.11
C ASN B 340 -27.73 -23.26 -3.60
N PRO B 341 -28.58 -23.85 -4.45
CA PRO B 341 -28.39 -23.68 -5.90
C PRO B 341 -28.61 -22.25 -6.39
N TYR B 342 -29.07 -21.36 -5.51
CA TYR B 342 -29.39 -20.00 -5.93
C TYR B 342 -28.28 -18.95 -5.65
N VAL B 343 -27.23 -19.33 -4.94
CA VAL B 343 -26.17 -18.38 -4.63
C VAL B 343 -25.55 -17.80 -5.91
N HIS B 344 -25.15 -16.54 -5.85
CA HIS B 344 -24.58 -15.80 -6.99
C HIS B 344 -25.58 -15.63 -8.14
N THR B 345 -26.86 -15.79 -7.84
CA THR B 345 -27.92 -15.48 -8.79
C THR B 345 -28.92 -14.50 -8.21
N SER B 346 -29.81 -14.02 -9.09
CA SER B 346 -30.98 -13.22 -8.72
C SER B 346 -31.89 -13.92 -7.73
N ASN B 347 -31.75 -15.23 -7.60
CA ASN B 347 -32.65 -15.98 -6.74
C ASN B 347 -32.14 -16.25 -5.32
N ASP B 348 -31.04 -15.60 -4.93
CA ASP B 348 -30.60 -15.64 -3.54
C ASP B 348 -31.40 -14.59 -2.79
N THR B 349 -32.69 -14.85 -2.63
CA THR B 349 -33.62 -13.83 -2.16
C THR B 349 -33.90 -13.91 -0.66
N LEU B 350 -34.27 -12.78 -0.08
CA LEU B 350 -34.61 -12.72 1.35
C LEU B 350 -35.53 -13.83 1.85
N ASP B 351 -36.64 -14.09 1.12
CA ASP B 351 -37.63 -15.03 1.64
C ASP B 351 -37.27 -16.53 1.58
N ILE B 352 -36.16 -16.91 0.96
CA ILE B 352 -35.71 -18.32 1.03
C ILE B 352 -34.97 -18.54 2.35
N LEU B 353 -34.57 -17.46 3.01
CA LEU B 353 -33.82 -17.56 4.25
C LEU B 353 -34.66 -18.20 5.38
N ASN B 354 -34.03 -19.12 6.09
CA ASN B 354 -34.65 -19.70 7.28
C ASN B 354 -34.18 -19.03 8.56
N LEU B 355 -35.12 -18.44 9.28
CA LEU B 355 -34.79 -17.66 10.47
C LEU B 355 -34.31 -18.48 11.65
N GLU B 356 -34.84 -19.68 11.85
CA GLU B 356 -34.34 -20.47 12.97
C GLU B 356 -32.92 -20.97 12.73
N HIS B 357 -32.60 -21.25 11.46
CA HIS B 357 -31.24 -21.71 11.21
C HIS B 357 -30.28 -20.56 11.52
N MET B 358 -30.66 -19.35 11.16
CA MET B 358 -29.88 -18.18 11.56
C MET B 358 -29.77 -18.00 13.07
N VAL B 359 -30.87 -18.22 13.78
CA VAL B 359 -30.85 -18.23 15.25
C VAL B 359 -29.86 -19.26 15.78
N ASN B 360 -29.82 -20.45 15.18
CA ASN B 360 -28.88 -21.50 15.57
C ASN B 360 -27.41 -21.12 15.43
N PHE B 361 -27.05 -20.50 14.30
CA PHE B 361 -25.70 -19.98 14.14
C PHE B 361 -25.41 -18.87 15.16
N THR B 362 -26.40 -18.02 15.45
CA THR B 362 -26.21 -17.05 16.53
C THR B 362 -25.98 -17.75 17.88
N LYS B 363 -26.74 -18.81 18.17
CA LYS B 363 -26.46 -19.61 19.38
C LYS B 363 -25.04 -20.18 19.41
N LEU B 364 -24.66 -20.87 18.34
CA LEU B 364 -23.31 -21.43 18.20
C LEU B 364 -22.25 -20.33 18.34
N GLY B 365 -22.45 -19.23 17.62
CA GLY B 365 -21.60 -18.07 17.76
C GLY B 365 -21.43 -17.59 19.18
N LEU B 366 -22.53 -17.51 19.93
CA LEU B 366 -22.46 -17.02 21.30
C LEU B 366 -21.79 -18.01 22.25
N ALA B 367 -22.06 -19.30 22.09
CA ALA B 367 -21.37 -20.37 22.84
C ALA B 367 -19.87 -20.32 22.62
N PHE B 368 -19.51 -20.16 21.35
CA PHE B 368 -18.15 -19.94 20.94
C PHE B 368 -17.54 -18.78 21.72
N ILE B 369 -18.22 -17.64 21.71
CA ILE B 369 -17.72 -16.43 22.38
C ILE B 369 -17.56 -16.62 23.90
N VAL B 370 -18.51 -17.27 24.56
CA VAL B 370 -18.44 -17.45 26.00
C VAL B 370 -17.38 -18.49 26.40
N GLU B 371 -17.45 -19.69 25.83
CA GLU B 371 -16.60 -20.80 26.26
C GLU B 371 -15.13 -20.53 25.97
N LEU B 372 -14.88 -19.81 24.89
CA LEU B 372 -13.55 -19.29 24.61
C LEU B 372 -13.28 -18.02 25.39
N GLY B 373 -14.32 -17.20 25.57
CA GLY B 373 -14.15 -15.84 26.10
C GLY B 373 -13.54 -15.69 27.48
N LEU B 374 -13.83 -16.63 28.38
CA LEU B 374 -13.01 -16.81 29.57
C LEU B 374 -12.82 -18.28 29.86
N ASN B 375 -12.42 -19.00 28.81
CA ASN B 375 -11.81 -20.32 28.95
C ASN B 375 -12.51 -21.26 29.91
#